data_7QQN
#
_entry.id   7QQN
#
_cell.length_a   59.830
_cell.length_b   132.440
_cell.length_c   63.660
_cell.angle_alpha   90.000
_cell.angle_beta   100.770
_cell.angle_gamma   90.000
#
_symmetry.space_group_name_H-M   'P 1 21 1'
#
loop_
_entity.id
_entity.type
_entity.pdbx_description
1 polymer 'Gamma-1-syntrophin,Annexin A2'
2 polymer 'Transient receptor potential cation channel subfamily V member 3'
3 non-polymer 'CALCIUM ION'
4 non-polymer GLYCEROL
5 water water
#
loop_
_entity_poly.entity_id
_entity_poly.type
_entity_poly.pdbx_seq_one_letter_code
_entity_poly.pdbx_strand_id
1 'polypeptide(L)'
;GSHMGGERTVTIRRQTVGGFGLSIKGGAEHNIPVVVSKISKEQRAELSGLLFIGDAILQINGINVRKCRHEEVVQVLRNA
GEEVTLTVSFLKRAPGSAYGSVKAYTNFDAERDALNIETAIKTKGVDEVTIVNILTNRSNEQRQDIAFAYQRRTKKELAS
ALKSALSGHLETVILGLLKTPAQYDASELKASMKGLGTDEDSLIEIICSRTNQELQEINRVYKEMYKTDLEKDIISDTSG
DFRKLMVALAKGRRAEDGSVIDYELIDQDARDLYDAGVKRKGTDVPKWISIMTERSVPHLQKVFDRYKSYSPYDMLESIR
KEVKGDLENAFLNLVQCIQNKPLYFADRLYDSMKGKGTRDKVLIRIMVSRSEVDMLKIRSEFKRKYGKSLYYYIQQDTKG
DYQKALLYLCGGDD
;
A,C
2 'polypeptide(L)' EVEEFPETSV B,D
#
# COMPACT_ATOMS: atom_id res chain seq x y z
N SER A 2 16.09 17.66 -18.67
CA SER A 2 15.61 16.84 -19.77
C SER A 2 14.89 15.59 -19.26
N HIS A 3 13.55 15.65 -19.26
CA HIS A 3 12.73 14.55 -18.78
C HIS A 3 11.27 14.76 -19.12
N MET A 4 10.65 13.76 -19.76
CA MET A 4 9.22 13.78 -20.07
C MET A 4 8.55 12.68 -19.28
N GLY A 5 7.57 13.05 -18.46
CA GLY A 5 6.90 12.10 -17.59
C GLY A 5 5.95 11.18 -18.33
N GLY A 6 5.26 10.35 -17.54
CA GLY A 6 4.29 9.42 -18.10
C GLY A 6 2.99 10.11 -18.47
N GLU A 7 2.35 9.59 -19.52
CA GLU A 7 1.13 10.19 -20.02
C GLU A 7 -0.04 9.87 -19.10
N ARG A 8 -0.95 10.84 -18.96
CA ARG A 8 -2.12 10.71 -18.10
C ARG A 8 -3.31 11.38 -18.77
N THR A 9 -4.49 10.79 -18.59
CA THR A 9 -5.73 11.32 -19.13
C THR A 9 -6.51 12.01 -18.02
N VAL A 10 -6.77 13.30 -18.17
CA VAL A 10 -7.46 14.11 -17.17
C VAL A 10 -8.60 14.85 -17.85
N THR A 11 -9.80 14.74 -17.28
CA THR A 11 -10.98 15.43 -17.77
C THR A 11 -11.25 16.66 -16.91
N ILE A 12 -11.34 17.82 -17.54
CA ILE A 12 -11.60 19.07 -16.84
C ILE A 12 -12.98 19.60 -17.21
N ARG A 13 -13.37 20.72 -16.61
CA ARG A 13 -14.68 21.31 -16.86
C ARG A 13 -14.53 22.82 -16.99
N ARG A 14 -15.47 23.43 -17.70
CA ARG A 14 -15.44 24.86 -17.97
C ARG A 14 -16.26 25.59 -16.93
N GLN A 15 -15.69 26.65 -16.37
CA GLN A 15 -16.42 27.53 -15.46
C GLN A 15 -17.28 28.50 -16.24
N THR A 16 -18.38 28.92 -15.63
CA THR A 16 -19.25 29.91 -16.25
C THR A 16 -18.53 31.25 -16.39
N VAL A 17 -18.00 31.77 -15.28
CA VAL A 17 -17.16 32.96 -15.33
C VAL A 17 -15.77 32.51 -15.78
N GLY A 18 -15.30 33.07 -16.89
CA GLY A 18 -14.07 32.62 -17.50
C GLY A 18 -14.26 31.35 -18.29
N GLY A 19 -13.29 30.44 -18.20
CA GLY A 19 -13.38 29.17 -18.91
C GLY A 19 -12.92 28.00 -18.07
N PHE A 20 -11.94 27.24 -18.57
CA PHE A 20 -11.45 26.08 -17.86
C PHE A 20 -10.61 26.43 -16.65
N GLY A 21 -10.20 27.69 -16.50
CA GLY A 21 -9.42 28.08 -15.35
C GLY A 21 -7.94 27.72 -15.43
N LEU A 22 -7.40 27.58 -16.64
CA LEU A 22 -6.02 27.19 -16.84
C LEU A 22 -5.36 28.14 -17.82
N SER A 23 -4.20 28.66 -17.44
CA SER A 23 -3.37 29.45 -18.34
C SER A 23 -2.33 28.56 -18.99
N ILE A 24 -2.09 28.78 -20.28
CA ILE A 24 -1.16 27.95 -21.05
C ILE A 24 -0.12 28.83 -21.70
N LYS A 25 1.03 28.23 -21.99
CA LYS A 25 2.14 28.93 -22.64
C LYS A 25 2.96 27.93 -23.44
N GLY A 26 3.64 28.43 -24.47
CA GLY A 26 4.46 27.61 -25.33
C GLY A 26 3.79 27.36 -26.67
N GLY A 27 4.52 26.65 -27.52
CA GLY A 27 4.02 26.33 -28.85
C GLY A 27 5.15 25.93 -29.77
N ALA A 28 4.76 25.38 -30.93
CA ALA A 28 5.72 24.90 -31.90
C ALA A 28 6.59 26.00 -32.48
N GLU A 29 6.23 27.27 -32.27
CA GLU A 29 7.07 28.37 -32.74
C GLU A 29 8.38 28.44 -31.93
N HIS A 30 8.30 28.16 -30.63
CA HIS A 30 9.45 28.24 -29.74
C HIS A 30 10.11 26.88 -29.53
N ASN A 31 9.71 25.85 -30.30
CA ASN A 31 10.24 24.50 -30.17
C ASN A 31 9.99 23.92 -28.77
N ILE A 32 8.93 24.39 -28.11
CA ILE A 32 8.57 23.87 -26.79
C ILE A 32 7.09 23.50 -26.81
N PRO A 33 6.65 22.52 -26.02
CA PRO A 33 5.23 22.15 -26.01
C PRO A 33 4.39 23.19 -25.27
N VAL A 34 3.09 23.11 -25.49
CA VAL A 34 2.13 23.95 -24.78
C VAL A 34 1.95 23.38 -23.38
N VAL A 35 2.18 24.21 -22.36
CA VAL A 35 2.19 23.77 -20.97
C VAL A 35 1.26 24.64 -20.16
N VAL A 36 0.51 24.02 -19.25
CA VAL A 36 -0.30 24.77 -18.29
C VAL A 36 0.62 25.57 -17.37
N SER A 37 0.37 26.87 -17.28
CA SER A 37 1.19 27.76 -16.46
C SER A 37 0.55 28.13 -15.14
N LYS A 38 -0.78 28.29 -15.11
CA LYS A 38 -1.48 28.71 -13.91
C LYS A 38 -2.82 27.99 -13.82
N ILE A 39 -3.18 27.58 -12.61
CA ILE A 39 -4.45 26.93 -12.33
C ILE A 39 -5.24 27.79 -11.36
N SER A 40 -6.48 28.10 -11.71
CA SER A 40 -7.30 28.97 -10.88
C SER A 40 -7.73 28.26 -9.60
N LYS A 41 -8.11 29.07 -8.61
CA LYS A 41 -8.47 28.51 -7.31
C LYS A 41 -9.74 27.68 -7.38
N GLU A 42 -10.62 27.97 -8.35
CA GLU A 42 -11.84 27.18 -8.50
C GLU A 42 -11.51 25.76 -8.95
N GLN A 43 -10.73 25.63 -10.02
CA GLN A 43 -10.31 24.33 -10.52
C GLN A 43 -9.08 23.78 -9.81
N ARG A 44 -8.58 24.47 -8.79
CA ARG A 44 -7.44 23.95 -8.04
C ARG A 44 -7.83 22.74 -7.21
N ALA A 45 -8.97 22.81 -6.51
CA ALA A 45 -9.40 21.70 -5.68
C ALA A 45 -9.88 20.52 -6.52
N GLU A 46 -10.42 20.79 -7.72
CA GLU A 46 -10.92 19.71 -8.56
C GLU A 46 -9.78 18.92 -9.18
N LEU A 47 -8.71 19.60 -9.59
CA LEU A 47 -7.58 18.96 -10.27
C LEU A 47 -6.41 18.69 -9.33
N SER A 48 -6.68 18.52 -8.04
CA SER A 48 -5.63 18.24 -7.06
C SER A 48 -5.12 16.82 -7.26
N GLY A 49 -3.87 16.69 -7.69
CA GLY A 49 -3.26 15.41 -7.93
C GLY A 49 -3.43 14.87 -9.33
N LEU A 50 -4.27 15.48 -10.14
CA LEU A 50 -4.51 15.05 -11.52
C LEU A 50 -3.75 15.90 -12.52
N LEU A 51 -3.79 17.22 -12.37
CA LEU A 51 -3.11 18.14 -13.26
C LEU A 51 -2.34 19.16 -12.43
N PHE A 52 -1.10 19.43 -12.82
CA PHE A 52 -0.25 20.36 -12.11
C PHE A 52 0.42 21.30 -13.11
N ILE A 53 0.91 22.43 -12.59
CA ILE A 53 1.66 23.37 -13.41
C ILE A 53 2.96 22.71 -13.85
N GLY A 54 3.16 22.65 -15.16
CA GLY A 54 4.27 21.90 -15.75
C GLY A 54 3.82 20.76 -16.65
N ASP A 55 2.55 20.35 -16.59
CA ASP A 55 2.05 19.31 -17.47
C ASP A 55 1.99 19.83 -18.90
N ALA A 56 2.50 19.04 -19.84
CA ALA A 56 2.47 19.37 -21.25
C ALA A 56 1.25 18.73 -21.90
N ILE A 57 0.33 19.57 -22.38
CA ILE A 57 -0.88 19.08 -23.03
C ILE A 57 -0.49 18.59 -24.42
N LEU A 58 -0.41 17.28 -24.60
CA LEU A 58 -0.05 16.70 -25.89
C LEU A 58 -1.24 16.27 -26.73
N GLN A 59 -2.39 16.02 -26.11
CA GLN A 59 -3.60 15.67 -26.84
C GLN A 59 -4.81 16.33 -26.18
N ILE A 60 -5.70 16.88 -27.01
CA ILE A 60 -6.94 17.49 -26.56
C ILE A 60 -8.07 16.75 -27.23
N ASN A 61 -8.85 16.01 -26.44
CA ASN A 61 -9.98 15.21 -26.94
C ASN A 61 -9.55 14.29 -28.09
N GLY A 62 -8.34 13.75 -27.97
CA GLY A 62 -7.80 12.87 -28.98
C GLY A 62 -7.10 13.56 -30.13
N ILE A 63 -7.04 14.89 -30.14
CA ILE A 63 -6.37 15.62 -31.20
C ILE A 63 -4.94 15.92 -30.75
N ASN A 64 -3.97 15.41 -31.50
CA ASN A 64 -2.56 15.63 -31.18
C ASN A 64 -2.19 17.09 -31.40
N VAL A 65 -1.95 17.81 -30.32
CA VAL A 65 -1.58 19.22 -30.38
C VAL A 65 -0.11 19.43 -30.04
N ARG A 66 0.73 18.42 -30.25
CA ARG A 66 2.14 18.55 -29.92
C ARG A 66 2.86 19.44 -30.92
N LYS A 67 2.77 19.12 -32.21
CA LYS A 67 3.39 19.91 -33.26
C LYS A 67 2.56 21.12 -33.69
N CYS A 68 1.66 21.60 -32.83
CA CYS A 68 0.79 22.72 -33.15
C CYS A 68 1.29 24.00 -32.51
N ARG A 69 0.82 25.13 -33.04
CA ARG A 69 1.24 26.44 -32.57
C ARG A 69 0.45 26.82 -31.30
N HIS A 70 0.74 28.00 -30.76
CA HIS A 70 0.12 28.42 -29.50
C HIS A 70 -1.35 28.76 -29.71
N GLU A 71 -1.65 29.70 -30.59
CA GLU A 71 -3.04 30.10 -30.83
C GLU A 71 -3.86 28.97 -31.44
N GLU A 72 -3.22 28.01 -32.13
CA GLU A 72 -3.96 26.87 -32.65
C GLU A 72 -4.48 25.99 -31.52
N VAL A 73 -3.68 25.82 -30.47
CA VAL A 73 -4.14 25.04 -29.32
C VAL A 73 -5.20 25.80 -28.54
N VAL A 74 -5.10 27.13 -28.49
CA VAL A 74 -6.07 27.93 -27.75
C VAL A 74 -7.46 27.79 -28.37
N GLN A 75 -7.54 27.88 -29.70
CA GLN A 75 -8.83 27.79 -30.39
C GLN A 75 -9.47 26.41 -30.25
N VAL A 76 -8.68 25.37 -30.01
CA VAL A 76 -9.27 24.05 -29.76
C VAL A 76 -9.94 24.02 -28.40
N LEU A 77 -9.30 24.60 -27.39
CA LEU A 77 -9.94 24.71 -26.08
C LEU A 77 -11.11 25.69 -26.11
N ARG A 78 -11.01 26.74 -26.94
CA ARG A 78 -12.11 27.69 -27.06
C ARG A 78 -13.35 27.02 -27.63
N ASN A 79 -13.24 26.39 -28.79
CA ASN A 79 -14.37 25.80 -29.49
C ASN A 79 -14.80 24.45 -28.93
N ALA A 80 -14.31 24.07 -27.75
CA ALA A 80 -14.71 22.81 -27.16
C ALA A 80 -16.01 22.98 -26.37
N GLY A 81 -16.52 21.88 -25.84
CA GLY A 81 -17.73 21.89 -25.04
C GLY A 81 -17.49 22.38 -23.62
N GLU A 82 -18.31 21.88 -22.69
CA GLU A 82 -18.13 22.22 -21.29
C GLU A 82 -17.09 21.34 -20.60
N GLU A 83 -16.62 20.28 -21.26
CA GLU A 83 -15.62 19.39 -20.70
C GLU A 83 -14.58 19.06 -21.76
N VAL A 84 -13.35 18.83 -21.32
CA VAL A 84 -12.24 18.49 -22.20
C VAL A 84 -11.39 17.42 -21.54
N THR A 85 -11.15 16.33 -22.26
CA THR A 85 -10.24 15.29 -21.80
C THR A 85 -8.84 15.61 -22.30
N LEU A 86 -7.90 15.76 -21.36
CA LEU A 86 -6.54 16.15 -21.67
C LEU A 86 -5.60 14.98 -21.47
N THR A 87 -4.76 14.71 -22.46
CA THR A 87 -3.64 13.79 -22.32
C THR A 87 -2.40 14.63 -22.00
N VAL A 88 -1.87 14.49 -20.79
CA VAL A 88 -0.80 15.35 -20.31
C VAL A 88 0.40 14.49 -19.92
N SER A 89 1.57 15.12 -19.95
CA SER A 89 2.82 14.49 -19.56
C SER A 89 3.67 15.52 -18.84
N PHE A 90 4.07 15.21 -17.61
CA PHE A 90 4.78 16.18 -16.78
C PHE A 90 6.19 16.40 -17.31
N LEU A 91 6.50 17.64 -17.68
CA LEU A 91 7.85 18.03 -18.06
C LEU A 91 8.60 18.46 -16.80
N LYS A 92 9.65 17.72 -16.45
CA LYS A 92 10.49 18.04 -15.31
C LYS A 92 11.91 18.29 -15.79
N ARG A 93 12.79 18.56 -14.83
CA ARG A 93 14.20 18.84 -15.08
C ARG A 93 15.05 17.92 -14.21
N ALA A 94 14.86 16.62 -14.40
CA ALA A 94 15.55 15.64 -13.57
C ALA A 94 17.07 15.76 -13.60
N PRO A 95 17.74 15.96 -14.74
CA PRO A 95 19.20 16.12 -14.71
C PRO A 95 19.60 17.45 -14.08
N GLY A 96 20.65 17.41 -13.27
CA GLY A 96 21.22 18.61 -12.69
C GLY A 96 21.25 18.67 -11.17
N SER A 97 22.24 19.37 -10.63
CA SER A 97 22.34 19.63 -9.20
C SER A 97 23.19 20.87 -8.98
N ALA A 98 22.84 21.64 -7.97
CA ALA A 98 23.55 22.88 -7.68
C ALA A 98 24.81 22.67 -6.85
N TYR A 99 25.05 21.46 -6.33
CA TYR A 99 26.20 21.22 -5.46
C TYR A 99 27.15 20.16 -6.03
N GLY A 100 27.07 19.89 -7.33
CA GLY A 100 28.03 19.02 -7.97
C GLY A 100 29.26 19.78 -8.43
N SER A 101 30.40 19.10 -8.43
CA SER A 101 31.66 19.70 -8.84
C SER A 101 31.85 19.68 -10.35
N VAL A 102 31.32 18.67 -11.04
CA VAL A 102 31.44 18.58 -12.49
C VAL A 102 30.40 19.50 -13.12
N LYS A 103 30.88 20.52 -13.83
CA LYS A 103 29.99 21.45 -14.52
C LYS A 103 29.75 21.00 -15.95
N ALA A 104 28.60 21.41 -16.49
CA ALA A 104 28.26 21.05 -17.86
C ALA A 104 29.12 21.85 -18.84
N TYR A 105 29.72 21.15 -19.80
CA TYR A 105 30.54 21.81 -20.80
C TYR A 105 29.65 22.56 -21.78
N THR A 106 29.89 23.86 -21.93
CA THR A 106 28.98 24.70 -22.72
C THR A 106 29.17 24.50 -24.22
N ASN A 107 30.41 24.41 -24.68
CA ASN A 107 30.69 24.15 -26.10
C ASN A 107 30.71 22.66 -26.40
N PHE A 108 29.66 21.95 -25.97
CA PHE A 108 29.64 20.50 -26.08
C PHE A 108 29.27 20.06 -27.49
N ASP A 109 30.03 19.09 -28.01
CA ASP A 109 29.71 18.45 -29.28
C ASP A 109 30.16 17.00 -29.18
N ALA A 110 29.19 16.08 -29.15
CA ALA A 110 29.50 14.67 -28.92
C ALA A 110 30.27 14.06 -30.08
N GLU A 111 30.07 14.56 -31.30
CA GLU A 111 30.81 14.03 -32.44
C GLU A 111 32.28 14.40 -32.37
N ARG A 112 32.59 15.64 -31.96
CA ARG A 112 33.98 16.06 -31.86
C ARG A 112 34.69 15.34 -30.72
N ASP A 113 34.04 15.24 -29.55
CA ASP A 113 34.65 14.56 -28.42
C ASP A 113 34.87 13.09 -28.71
N ALA A 114 33.96 12.47 -29.46
CA ALA A 114 34.14 11.07 -29.84
C ALA A 114 35.35 10.89 -30.74
N LEU A 115 35.52 11.80 -31.71
CA LEU A 115 36.66 11.71 -32.62
C LEU A 115 37.97 11.97 -31.89
N ASN A 116 37.99 12.96 -31.00
CA ASN A 116 39.21 13.26 -30.25
C ASN A 116 39.61 12.10 -29.35
N ILE A 117 38.62 11.40 -28.78
CA ILE A 117 38.92 10.23 -27.96
C ILE A 117 39.39 9.07 -28.83
N GLU A 118 38.76 8.87 -29.99
CA GLU A 118 39.17 7.82 -30.90
C GLU A 118 40.62 8.00 -31.34
N THR A 119 41.00 9.23 -31.67
CA THR A 119 42.39 9.49 -32.03
C THR A 119 43.31 9.40 -30.82
N ALA A 120 42.77 9.63 -29.62
CA ALA A 120 43.58 9.45 -28.41
C ALA A 120 43.79 7.98 -28.11
N ILE A 121 42.79 7.14 -28.38
CA ILE A 121 42.95 5.70 -28.22
C ILE A 121 43.92 5.16 -29.28
N LYS A 122 43.82 5.67 -30.50
CA LYS A 122 44.64 5.19 -31.61
C LYS A 122 46.11 5.56 -31.48
N THR A 123 46.42 6.65 -30.78
CA THR A 123 47.82 7.04 -30.59
C THR A 123 48.58 5.94 -29.85
N LYS A 124 49.80 5.67 -30.32
CA LYS A 124 50.61 4.63 -29.71
C LYS A 124 50.87 4.95 -28.23
N GLY A 125 50.74 3.93 -27.39
CA GLY A 125 50.83 4.11 -25.95
C GLY A 125 49.59 4.67 -25.30
N VAL A 126 48.59 5.09 -26.09
CA VAL A 126 47.32 5.64 -25.61
C VAL A 126 47.53 6.99 -24.94
N ASP A 127 46.82 8.01 -25.41
CA ASP A 127 46.86 9.33 -24.79
C ASP A 127 45.75 9.39 -23.74
N GLU A 128 46.05 8.81 -22.58
CA GLU A 128 45.08 8.81 -21.48
C GLU A 128 44.77 10.21 -20.99
N VAL A 129 45.72 11.14 -21.16
CA VAL A 129 45.50 12.50 -20.65
C VAL A 129 44.34 13.16 -21.37
N THR A 130 44.26 13.01 -22.70
CA THR A 130 43.15 13.60 -23.43
C THR A 130 41.83 12.94 -23.04
N ILE A 131 41.82 11.62 -22.87
CA ILE A 131 40.60 10.92 -22.49
C ILE A 131 40.12 11.36 -21.11
N VAL A 132 41.07 11.55 -20.18
CA VAL A 132 40.70 11.97 -18.83
C VAL A 132 40.22 13.42 -18.83
N ASN A 133 40.91 14.29 -19.55
CA ASN A 133 40.54 15.69 -19.58
C ASN A 133 39.17 15.93 -20.21
N ILE A 134 38.68 14.98 -21.00
CA ILE A 134 37.38 15.12 -21.62
C ILE A 134 36.31 14.53 -20.71
N LEU A 135 36.40 13.22 -20.44
CA LEU A 135 35.31 12.54 -19.75
C LEU A 135 35.10 13.04 -18.33
N THR A 136 36.14 13.57 -17.70
CA THR A 136 35.97 14.10 -16.35
C THR A 136 35.41 15.52 -16.34
N ASN A 137 35.38 16.20 -17.49
CA ASN A 137 34.78 17.52 -17.61
C ASN A 137 33.54 17.51 -18.50
N ARG A 138 32.82 16.39 -18.50
CA ARG A 138 31.53 16.25 -19.16
C ARG A 138 30.54 15.68 -18.17
N SER A 139 29.31 16.20 -18.20
CA SER A 139 28.25 15.64 -17.38
C SER A 139 27.91 14.23 -17.84
N ASN A 140 27.26 13.46 -16.94
CA ASN A 140 26.93 12.08 -17.27
C ASN A 140 26.02 12.00 -18.49
N GLU A 141 25.07 12.93 -18.62
CA GLU A 141 24.22 12.96 -19.79
C GLU A 141 25.04 13.23 -21.06
N GLN A 142 26.07 14.05 -20.95
CA GLN A 142 26.94 14.30 -22.09
C GLN A 142 27.81 13.10 -22.42
N ARG A 143 28.20 12.31 -21.41
CA ARG A 143 29.01 11.12 -21.66
C ARG A 143 28.23 10.08 -22.46
N GLN A 144 26.95 9.90 -22.14
CA GLN A 144 26.13 8.97 -22.90
C GLN A 144 26.03 9.38 -24.36
N ASP A 145 26.02 10.68 -24.65
CA ASP A 145 25.99 11.13 -26.03
C ASP A 145 27.31 10.83 -26.74
N ILE A 146 28.42 10.94 -26.02
CA ILE A 146 29.72 10.61 -26.60
C ILE A 146 29.81 9.11 -26.87
N ALA A 147 29.22 8.29 -26.01
CA ALA A 147 29.21 6.85 -26.26
C ALA A 147 28.38 6.50 -27.49
N PHE A 148 27.26 7.20 -27.70
CA PHE A 148 26.45 6.94 -28.88
C PHE A 148 27.13 7.43 -30.15
N ALA A 149 27.85 8.56 -30.05
CA ALA A 149 28.57 9.08 -31.22
C ALA A 149 29.79 8.22 -31.54
N TYR A 150 30.42 7.63 -30.53
CA TYR A 150 31.56 6.74 -30.77
C TYR A 150 31.13 5.50 -31.52
N GLN A 151 30.09 4.81 -31.03
CA GLN A 151 29.60 3.62 -31.69
C GLN A 151 29.05 3.93 -33.08
N ARG A 152 28.52 5.14 -33.28
CA ARG A 152 28.05 5.53 -34.61
C ARG A 152 29.19 5.70 -35.59
N ARG A 153 30.35 6.16 -35.13
CA ARG A 153 31.48 6.43 -36.01
C ARG A 153 32.43 5.26 -36.14
N THR A 154 32.52 4.39 -35.13
CA THR A 154 33.48 3.30 -35.11
C THR A 154 32.85 1.91 -35.17
N LYS A 155 31.54 1.80 -35.04
CA LYS A 155 30.84 0.51 -34.96
C LYS A 155 31.33 -0.34 -33.79
N LYS A 156 31.88 0.31 -32.76
CA LYS A 156 32.46 -0.36 -31.61
C LYS A 156 32.03 0.38 -30.35
N GLU A 157 31.75 -0.37 -29.29
CA GLU A 157 31.30 0.24 -28.04
C GLU A 157 32.44 1.03 -27.39
N LEU A 158 32.08 2.15 -26.78
CA LEU A 158 33.10 3.03 -26.20
C LEU A 158 33.72 2.43 -24.95
N ALA A 159 32.89 1.81 -24.08
CA ALA A 159 33.40 1.26 -22.84
C ALA A 159 34.32 0.07 -23.09
N SER A 160 34.02 -0.74 -24.11
CA SER A 160 34.88 -1.88 -24.44
C SER A 160 36.21 -1.43 -25.00
N ALA A 161 36.21 -0.37 -25.81
CA ALA A 161 37.46 0.14 -26.38
C ALA A 161 38.30 0.84 -25.32
N LEU A 162 37.66 1.49 -24.35
CA LEU A 162 38.39 2.17 -23.28
C LEU A 162 38.96 1.19 -22.26
N LYS A 163 38.31 0.02 -22.09
CA LYS A 163 38.89 -1.01 -21.24
C LYS A 163 40.17 -1.57 -21.86
N SER A 164 40.19 -1.69 -23.18
CA SER A 164 41.39 -2.17 -23.87
C SER A 164 42.50 -1.13 -23.89
N ALA A 165 42.17 0.14 -23.71
CA ALA A 165 43.15 1.22 -23.73
C ALA A 165 43.58 1.67 -22.34
N LEU A 166 42.71 1.56 -21.34
CA LEU A 166 43.03 1.99 -19.98
C LEU A 166 43.19 0.78 -19.07
N SER A 167 44.00 0.95 -18.03
CA SER A 167 44.24 -0.10 -17.05
C SER A 167 44.36 0.52 -15.66
N GLY A 168 44.36 -0.35 -14.65
CA GLY A 168 44.54 0.09 -13.28
C GLY A 168 43.33 0.84 -12.74
N HIS A 169 43.58 1.62 -11.69
CA HIS A 169 42.51 2.39 -11.06
C HIS A 169 41.97 3.46 -11.99
N LEU A 170 42.78 3.92 -12.95
CA LEU A 170 42.29 4.88 -13.94
C LEU A 170 41.16 4.28 -14.76
N GLU A 171 41.31 3.02 -15.17
CA GLU A 171 40.25 2.35 -15.91
C GLU A 171 38.97 2.26 -15.09
N THR A 172 39.09 1.96 -13.80
CA THR A 172 37.91 1.86 -12.94
C THR A 172 37.18 3.19 -12.85
N VAL A 173 37.92 4.30 -12.76
CA VAL A 173 37.30 5.61 -12.67
C VAL A 173 36.57 5.95 -13.97
N ILE A 174 37.26 5.80 -15.09
CA ILE A 174 36.68 6.17 -16.38
C ILE A 174 35.48 5.29 -16.69
N LEU A 175 35.63 3.97 -16.53
CA LEU A 175 34.52 3.07 -16.83
C LEU A 175 33.34 3.30 -15.89
N GLY A 176 33.60 3.80 -14.68
CA GLY A 176 32.50 4.12 -13.78
C GLY A 176 31.75 5.37 -14.19
N LEU A 177 32.48 6.37 -14.72
CA LEU A 177 31.82 7.58 -15.19
C LEU A 177 30.96 7.34 -16.42
N LEU A 178 31.20 6.25 -17.15
CA LEU A 178 30.44 5.99 -18.37
C LEU A 178 29.06 5.41 -18.07
N LYS A 179 28.89 4.72 -16.94
CA LYS A 179 27.59 4.19 -16.56
C LYS A 179 26.70 5.30 -16.01
N THR A 180 25.40 5.21 -16.31
CA THR A 180 24.44 6.12 -15.70
C THR A 180 24.42 5.89 -14.19
N PRO A 181 23.97 6.90 -13.42
CA PRO A 181 23.92 6.73 -11.95
C PRO A 181 23.23 5.45 -11.50
N ALA A 182 22.10 5.09 -12.11
CA ALA A 182 21.45 3.84 -11.74
C ALA A 182 22.26 2.63 -12.19
N GLN A 183 22.80 2.67 -13.41
CA GLN A 183 23.67 1.60 -13.87
C GLN A 183 24.86 1.41 -12.94
N TYR A 184 25.50 2.51 -12.53
CA TYR A 184 26.69 2.39 -11.70
C TYR A 184 26.34 1.92 -10.30
N ASP A 185 25.27 2.46 -9.71
CA ASP A 185 24.87 2.03 -8.37
C ASP A 185 24.45 0.56 -8.37
N ALA A 186 23.73 0.12 -9.41
CA ALA A 186 23.32 -1.27 -9.47
C ALA A 186 24.51 -2.19 -9.68
N SER A 187 25.48 -1.78 -10.49
CA SER A 187 26.66 -2.62 -10.71
C SER A 187 27.51 -2.72 -9.45
N GLU A 188 27.58 -1.66 -8.66
CA GLU A 188 28.31 -1.72 -7.40
C GLU A 188 27.57 -2.54 -6.36
N LEU A 189 26.24 -2.61 -6.46
CA LEU A 189 25.47 -3.43 -5.53
C LEU A 189 25.66 -4.91 -5.82
N LYS A 190 25.63 -5.30 -7.10
CA LYS A 190 25.86 -6.70 -7.45
C LYS A 190 27.27 -7.14 -7.07
N ALA A 191 28.24 -6.22 -7.15
CA ALA A 191 29.61 -6.56 -6.76
C ALA A 191 29.71 -6.81 -5.25
N SER A 192 28.92 -6.11 -4.45
CA SER A 192 28.96 -6.32 -3.01
C SER A 192 28.33 -7.64 -2.59
N MET A 193 27.55 -8.27 -3.47
CA MET A 193 26.87 -9.51 -3.13
C MET A 193 27.31 -10.70 -3.97
N LYS A 194 27.92 -10.48 -5.13
CA LYS A 194 28.41 -11.59 -5.94
C LYS A 194 29.55 -12.29 -5.21
N GLY A 195 29.53 -13.62 -5.24
CA GLY A 195 30.45 -14.43 -4.47
C GLY A 195 29.79 -15.02 -3.24
N LEU A 196 30.60 -15.71 -2.45
CA LEU A 196 30.12 -16.34 -1.23
C LEU A 196 30.21 -15.44 -0.01
N GLY A 197 30.67 -14.20 -0.18
CA GLY A 197 30.70 -13.24 0.90
C GLY A 197 29.89 -12.00 0.59
N THR A 198 30.01 -10.97 1.43
CA THR A 198 29.29 -9.72 1.22
C THR A 198 30.17 -8.55 1.67
N ASP A 199 30.28 -7.54 0.82
CA ASP A 199 30.92 -6.28 1.19
C ASP A 199 29.86 -5.39 1.81
N GLU A 200 29.59 -5.63 3.10
CA GLU A 200 28.56 -4.88 3.80
C GLU A 200 28.86 -3.38 3.82
N ASP A 201 30.14 -3.01 3.86
CA ASP A 201 30.49 -1.58 3.86
C ASP A 201 29.99 -0.89 2.60
N SER A 202 30.09 -1.55 1.45
CA SER A 202 29.63 -0.95 0.20
C SER A 202 28.12 -1.06 0.07
N LEU A 203 27.54 -2.21 0.45
CA LEU A 203 26.09 -2.36 0.42
C LEU A 203 25.41 -1.36 1.34
N ILE A 204 26.00 -1.10 2.51
CA ILE A 204 25.43 -0.15 3.45
C ILE A 204 25.57 1.28 2.93
N GLU A 205 26.72 1.60 2.31
CA GLU A 205 26.96 2.95 1.83
C GLU A 205 25.93 3.36 0.79
N ILE A 206 25.56 2.45 -0.10
CA ILE A 206 24.64 2.80 -1.19
C ILE A 206 23.20 2.88 -0.68
N ILE A 207 22.76 1.85 0.05
CA ILE A 207 21.35 1.76 0.43
C ILE A 207 21.00 2.87 1.43
N CYS A 208 21.92 3.20 2.34
CA CYS A 208 21.62 4.19 3.36
C CYS A 208 21.61 5.62 2.82
N SER A 209 22.34 5.88 1.74
CA SER A 209 22.53 7.25 1.26
C SER A 209 21.63 7.61 0.09
N ARG A 210 21.20 6.63 -0.70
CA ARG A 210 20.34 6.92 -1.85
C ARG A 210 18.94 7.34 -1.39
N THR A 211 18.33 8.22 -2.16
CA THR A 211 17.00 8.74 -1.87
C THR A 211 15.93 7.82 -2.47
N ASN A 212 14.66 8.23 -2.36
CA ASN A 212 13.57 7.46 -2.94
C ASN A 212 13.67 7.42 -4.46
N GLN A 213 13.83 8.58 -5.08
CA GLN A 213 13.87 8.64 -6.54
C GLN A 213 15.06 7.86 -7.09
N GLU A 214 16.20 7.94 -6.41
CA GLU A 214 17.38 7.21 -6.86
C GLU A 214 17.18 5.70 -6.71
N LEU A 215 16.59 5.27 -5.58
CA LEU A 215 16.39 3.84 -5.36
C LEU A 215 15.35 3.26 -6.30
N GLN A 216 14.38 4.06 -6.77
CA GLN A 216 13.40 3.56 -7.72
C GLN A 216 14.06 3.13 -9.01
N GLU A 217 14.88 4.00 -9.59
CA GLU A 217 15.56 3.67 -10.84
C GLU A 217 16.63 2.60 -10.63
N ILE A 218 17.23 2.55 -9.43
CA ILE A 218 18.20 1.49 -9.13
C ILE A 218 17.54 0.12 -9.20
N ASN A 219 16.41 -0.05 -8.49
CA ASN A 219 15.72 -1.33 -8.51
C ASN A 219 15.28 -1.70 -9.91
N ARG A 220 14.97 -0.71 -10.74
CA ARG A 220 14.54 -0.98 -12.11
C ARG A 220 15.70 -1.56 -12.93
N VAL A 221 16.82 -0.85 -13.00
CA VAL A 221 17.93 -1.28 -13.84
C VAL A 221 18.64 -2.51 -13.27
N TYR A 222 18.54 -2.74 -11.96
CA TYR A 222 19.12 -3.95 -11.38
C TYR A 222 18.40 -5.20 -11.89
N LYS A 223 17.08 -5.13 -12.01
CA LYS A 223 16.33 -6.25 -12.59
C LYS A 223 16.58 -6.36 -14.09
N GLU A 224 16.87 -5.25 -14.76
CA GLU A 224 17.11 -5.28 -16.20
C GLU A 224 18.47 -5.85 -16.54
N MET A 225 19.49 -5.50 -15.74
CA MET A 225 20.84 -5.94 -16.04
C MET A 225 21.13 -7.34 -15.54
N TYR A 226 20.49 -7.77 -14.45
CA TYR A 226 20.81 -9.04 -13.82
C TYR A 226 19.64 -10.01 -13.73
N LYS A 227 18.46 -9.63 -14.22
CA LYS A 227 17.28 -10.48 -14.27
C LYS A 227 16.85 -10.97 -12.88
N THR A 228 17.22 -10.25 -11.84
CA THR A 228 16.84 -10.59 -10.47
C THR A 228 16.56 -9.32 -9.70
N ASP A 229 15.49 -9.32 -8.92
CA ASP A 229 15.16 -8.17 -8.10
C ASP A 229 16.23 -7.95 -7.04
N LEU A 230 16.50 -6.68 -6.75
CA LEU A 230 17.52 -6.36 -5.76
C LEU A 230 17.15 -6.90 -4.38
N GLU A 231 15.85 -6.97 -4.07
CA GLU A 231 15.42 -7.44 -2.75
C GLU A 231 15.77 -8.90 -2.53
N LYS A 232 15.70 -9.72 -3.60
CA LYS A 232 16.05 -11.12 -3.47
C LYS A 232 17.53 -11.29 -3.14
N ASP A 233 18.41 -10.63 -3.90
CA ASP A 233 19.84 -10.75 -3.66
C ASP A 233 20.22 -10.20 -2.29
N ILE A 234 19.55 -9.16 -1.83
CA ILE A 234 19.78 -8.67 -0.47
C ILE A 234 19.36 -9.71 0.56
N ILE A 235 18.23 -10.38 0.30
CA ILE A 235 17.77 -11.41 1.23
C ILE A 235 18.72 -12.60 1.24
N SER A 236 19.29 -12.94 0.08
CA SER A 236 20.20 -14.08 0.00
C SER A 236 21.55 -13.79 0.65
N ASP A 237 21.94 -12.53 0.76
CA ASP A 237 23.27 -12.16 1.24
C ASP A 237 23.27 -11.61 2.66
N THR A 238 22.10 -11.42 3.28
CA THR A 238 22.00 -10.89 4.63
C THR A 238 21.10 -11.79 5.47
N SER A 239 21.01 -11.48 6.76
CA SER A 239 20.17 -12.24 7.67
C SER A 239 19.90 -11.39 8.90
N GLY A 240 19.03 -11.91 9.78
CA GLY A 240 18.70 -11.25 11.02
C GLY A 240 18.03 -9.90 10.83
N ASP A 241 18.18 -9.05 11.84
CA ASP A 241 17.64 -7.70 11.76
C ASP A 241 18.41 -6.83 10.77
N PHE A 242 19.66 -7.20 10.46
CA PHE A 242 20.40 -6.49 9.43
C PHE A 242 19.73 -6.64 8.07
N ARG A 243 19.20 -7.84 7.78
CA ARG A 243 18.42 -8.03 6.56
C ARG A 243 17.17 -7.16 6.58
N LYS A 244 16.48 -7.08 7.72
CA LYS A 244 15.26 -6.30 7.80
C LYS A 244 15.52 -4.83 7.51
N LEU A 245 16.57 -4.26 8.08
CA LEU A 245 16.86 -2.83 7.87
C LEU A 245 17.24 -2.55 6.43
N MET A 246 18.05 -3.43 5.82
CA MET A 246 18.49 -3.18 4.45
C MET A 246 17.35 -3.35 3.45
N VAL A 247 16.55 -4.41 3.60
CA VAL A 247 15.44 -4.64 2.67
C VAL A 247 14.44 -3.48 2.73
N ALA A 248 14.17 -2.99 3.95
CA ALA A 248 13.24 -1.88 4.10
C ALA A 248 13.80 -0.61 3.46
N LEU A 249 15.06 -0.28 3.75
CA LEU A 249 15.67 0.91 3.17
C LEU A 249 15.73 0.83 1.65
N ALA A 250 15.98 -0.37 1.11
CA ALA A 250 16.12 -0.55 -0.33
C ALA A 250 14.80 -0.45 -1.08
N LYS A 251 13.68 -0.31 -0.37
CA LYS A 251 12.40 -0.18 -1.05
C LYS A 251 12.21 1.21 -1.63
N GLY A 252 12.81 2.23 -1.02
CA GLY A 252 12.61 3.60 -1.46
C GLY A 252 11.20 4.11 -1.26
N ARG A 253 10.47 3.57 -0.28
CA ARG A 253 9.12 4.01 0.01
C ARG A 253 9.08 4.80 1.32
N ARG A 254 10.01 5.74 1.47
CA ARG A 254 10.04 6.62 2.64
C ARG A 254 9.11 7.80 2.40
N ALA A 255 8.50 8.29 3.49
CA ALA A 255 7.51 9.36 3.39
C ALA A 255 8.15 10.62 2.82
N GLU A 256 7.41 11.29 1.92
CA GLU A 256 7.84 12.58 1.42
C GLU A 256 7.69 13.64 2.51
N ASP A 257 8.56 14.63 2.49
CA ASP A 257 8.56 15.66 3.53
C ASP A 257 7.28 16.48 3.46
N GLY A 258 6.48 16.38 4.50
CA GLY A 258 5.19 17.04 4.50
C GLY A 258 5.25 18.53 4.68
N SER A 259 4.17 19.18 4.25
CA SER A 259 4.12 20.64 4.31
C SER A 259 4.07 21.20 5.72
N VAL A 260 3.78 20.38 6.72
CA VAL A 260 3.67 20.82 8.10
C VAL A 260 4.80 20.19 8.90
N ILE A 261 5.18 20.85 9.99
CA ILE A 261 6.14 20.31 10.94
C ILE A 261 5.31 19.67 12.05
N ASP A 262 5.18 18.35 12.00
CA ASP A 262 4.38 17.61 12.97
C ASP A 262 5.16 17.55 14.27
N TYR A 263 4.98 18.58 15.10
CA TYR A 263 5.69 18.64 16.38
C TYR A 263 5.29 17.49 17.29
N GLU A 264 4.01 17.10 17.27
CA GLU A 264 3.57 16.00 18.12
C GLU A 264 4.21 14.68 17.71
N LEU A 265 4.41 14.48 16.40
CA LEU A 265 5.08 13.26 15.95
C LEU A 265 6.58 13.32 16.18
N ILE A 266 7.17 14.51 16.17
CA ILE A 266 8.60 14.64 16.42
C ILE A 266 8.91 14.28 17.87
N ASP A 267 8.05 14.68 18.80
CA ASP A 267 8.28 14.34 20.19
C ASP A 267 7.95 12.87 20.47
N GLN A 268 6.89 12.35 19.84
CA GLN A 268 6.51 10.96 20.07
C GLN A 268 7.53 10.01 19.48
N ASP A 269 8.04 10.32 18.29
CA ASP A 269 9.08 9.49 17.68
C ASP A 269 10.35 9.52 18.52
N ALA A 270 10.74 10.70 19.02
CA ALA A 270 11.94 10.80 19.83
C ALA A 270 11.80 9.99 21.12
N ARG A 271 10.65 10.09 21.78
CA ARG A 271 10.44 9.31 22.99
C ARG A 271 10.33 7.82 22.69
N ASP A 272 9.79 7.46 21.53
CA ASP A 272 9.71 6.06 21.15
C ASP A 272 11.11 5.46 20.97
N LEU A 273 12.02 6.18 20.31
CA LEU A 273 13.38 5.69 20.16
C LEU A 273 14.08 5.57 21.51
N TYR A 274 13.79 6.50 22.42
CA TYR A 274 14.39 6.45 23.75
C TYR A 274 13.89 5.25 24.54
N ASP A 275 12.56 5.05 24.57
CA ASP A 275 11.99 3.93 25.28
C ASP A 275 12.34 2.59 24.65
N ALA A 276 12.64 2.56 23.36
CA ALA A 276 12.95 1.33 22.65
C ALA A 276 14.42 0.91 22.77
N GLY A 277 15.26 1.74 23.36
CA GLY A 277 16.68 1.41 23.44
C GLY A 277 17.33 1.74 24.76
N VAL A 278 17.64 3.02 24.97
CA VAL A 278 18.47 3.42 26.11
C VAL A 278 17.74 3.20 27.43
N LYS A 279 16.45 3.50 27.48
CA LYS A 279 15.74 3.43 28.75
C LYS A 279 15.59 1.98 29.22
N ARG A 280 15.31 1.06 28.30
CA ARG A 280 15.01 -0.32 28.64
C ARG A 280 16.24 -1.22 28.53
N LYS A 281 16.14 -2.41 29.11
CA LYS A 281 17.14 -3.44 28.91
C LYS A 281 16.98 -4.05 27.53
N GLY A 282 18.08 -4.17 26.79
CA GLY A 282 17.99 -4.61 25.42
C GLY A 282 17.53 -3.48 24.50
N THR A 283 17.10 -3.88 23.31
CA THR A 283 16.67 -2.91 22.30
C THR A 283 15.46 -3.45 21.56
N ASP A 284 14.50 -2.57 21.29
CA ASP A 284 13.38 -2.88 20.39
C ASP A 284 13.81 -2.51 18.98
N VAL A 285 14.52 -3.45 18.34
CA VAL A 285 15.08 -3.20 17.01
C VAL A 285 13.99 -2.88 15.99
N PRO A 286 12.87 -3.60 15.91
CA PRO A 286 11.85 -3.23 14.90
C PRO A 286 11.32 -1.81 15.07
N LYS A 287 11.19 -1.33 16.30
CA LYS A 287 10.74 0.05 16.51
C LYS A 287 11.74 1.04 15.94
N TRP A 288 13.04 0.79 16.14
CA TRP A 288 14.05 1.65 15.55
C TRP A 288 14.03 1.57 14.03
N ILE A 289 13.83 0.37 13.48
CA ILE A 289 13.78 0.20 12.03
C ILE A 289 12.60 0.96 11.45
N SER A 290 11.41 0.79 12.04
CA SER A 290 10.20 1.38 11.48
C SER A 290 10.28 2.91 11.45
N ILE A 291 10.83 3.50 12.51
CA ILE A 291 10.84 4.96 12.60
C ILE A 291 11.88 5.55 11.66
N MET A 292 13.10 5.01 11.66
CA MET A 292 14.19 5.60 10.89
C MET A 292 14.09 5.29 9.40
N THR A 293 13.24 4.35 8.99
CA THR A 293 13.12 4.02 7.57
C THR A 293 11.92 4.66 6.90
N GLU A 294 10.83 4.87 7.63
CA GLU A 294 9.57 5.32 7.03
C GLU A 294 9.39 6.83 7.07
N ARG A 295 9.82 7.49 8.14
CA ARG A 295 9.68 8.94 8.23
C ARG A 295 10.59 9.64 7.22
N SER A 296 10.27 10.90 6.94
CA SER A 296 11.09 11.68 6.02
C SER A 296 12.37 12.13 6.72
N VAL A 297 13.33 12.58 5.92
CA VAL A 297 14.62 13.02 6.45
C VAL A 297 14.44 14.32 7.23
N PRO A 298 13.79 15.36 6.71
CA PRO A 298 13.59 16.57 7.53
C PRO A 298 12.85 16.31 8.83
N HIS A 299 11.95 15.34 8.85
CA HIS A 299 11.28 14.98 10.10
C HIS A 299 12.25 14.31 11.06
N LEU A 300 13.04 13.35 10.56
CA LEU A 300 13.97 12.62 11.43
C LEU A 300 15.11 13.50 11.92
N GLN A 301 15.47 14.54 11.17
CA GLN A 301 16.47 15.48 11.66
C GLN A 301 16.00 16.17 12.94
N LYS A 302 14.74 16.60 12.97
CA LYS A 302 14.21 17.20 14.19
C LYS A 302 13.95 16.15 15.27
N VAL A 303 13.63 14.91 14.86
CA VAL A 303 13.46 13.84 15.82
C VAL A 303 14.75 13.58 16.58
N PHE A 304 15.87 13.53 15.85
CA PHE A 304 17.15 13.23 16.49
C PHE A 304 17.59 14.37 17.40
N ASP A 305 17.17 15.61 17.13
CA ASP A 305 17.45 16.69 18.06
C ASP A 305 16.55 16.63 19.27
N ARG A 306 15.27 16.30 19.07
CA ARG A 306 14.36 16.09 20.20
C ARG A 306 14.78 14.88 21.02
N TYR A 307 15.44 13.90 20.40
CA TYR A 307 15.93 12.74 21.13
C TYR A 307 17.01 13.12 22.14
N LYS A 308 17.81 14.13 21.82
CA LYS A 308 18.80 14.63 22.77
C LYS A 308 18.16 15.24 24.01
N SER A 309 16.84 15.44 23.99
CA SER A 309 16.16 15.96 25.18
C SER A 309 15.79 14.84 26.14
N TYR A 310 15.62 13.62 25.63
CA TYR A 310 15.23 12.49 26.45
C TYR A 310 16.39 11.61 26.87
N SER A 311 17.44 11.52 26.07
CA SER A 311 18.58 10.65 26.33
C SER A 311 19.84 11.47 26.55
N PRO A 312 20.70 11.06 27.50
CA PRO A 312 21.99 11.74 27.67
C PRO A 312 22.99 11.43 26.57
N TYR A 313 22.68 10.49 25.69
CA TYR A 313 23.51 10.17 24.53
C TYR A 313 22.69 10.42 23.26
N ASP A 314 23.35 10.92 22.22
CA ASP A 314 22.67 11.16 20.96
C ASP A 314 22.36 9.83 20.26
N MET A 315 21.72 9.92 19.09
CA MET A 315 21.31 8.72 18.38
C MET A 315 22.51 7.86 18.00
N LEU A 316 23.60 8.50 17.56
CA LEU A 316 24.80 7.75 17.20
C LEU A 316 25.38 7.04 18.42
N GLU A 317 25.59 7.77 19.52
CA GLU A 317 26.11 7.16 20.73
C GLU A 317 25.19 6.09 21.27
N SER A 318 23.87 6.32 21.18
CA SER A 318 22.90 5.33 21.65
C SER A 318 22.95 4.07 20.79
N ILE A 319 23.16 4.23 19.47
CA ILE A 319 23.23 3.09 18.57
C ILE A 319 24.43 2.21 18.92
N ARG A 320 25.56 2.83 19.27
CA ARG A 320 26.74 2.07 19.65
C ARG A 320 26.49 1.26 20.92
N LYS A 321 25.83 1.88 21.91
CA LYS A 321 25.61 1.22 23.19
C LYS A 321 24.53 0.15 23.13
N GLU A 322 23.68 0.16 22.11
CA GLU A 322 22.53 -0.75 22.04
C GLU A 322 22.77 -1.96 21.15
N VAL A 323 23.34 -1.77 19.96
CA VAL A 323 23.49 -2.85 18.99
C VAL A 323 24.94 -2.94 18.54
N LYS A 324 25.28 -4.06 17.91
CA LYS A 324 26.64 -4.37 17.51
C LYS A 324 26.66 -4.96 16.11
N GLY A 325 27.86 -5.04 15.54
CA GLY A 325 28.03 -5.79 14.30
C GLY A 325 27.48 -5.07 13.09
N ASP A 326 26.94 -5.84 12.15
CA ASP A 326 26.43 -5.27 10.90
C ASP A 326 25.23 -4.38 11.15
N LEU A 327 24.40 -4.71 12.14
CA LEU A 327 23.25 -3.87 12.45
C LEU A 327 23.68 -2.51 12.98
N GLU A 328 24.68 -2.50 13.88
CA GLU A 328 25.20 -1.24 14.41
C GLU A 328 25.79 -0.37 13.30
N ASN A 329 26.65 -0.96 12.48
CA ASN A 329 27.26 -0.21 11.39
C ASN A 329 26.20 0.35 10.44
N ALA A 330 25.17 -0.45 10.14
CA ALA A 330 24.10 0.00 9.25
C ALA A 330 23.39 1.21 9.83
N PHE A 331 22.95 1.11 11.09
CA PHE A 331 22.26 2.23 11.72
C PHE A 331 23.14 3.47 11.79
N LEU A 332 24.44 3.28 12.05
CA LEU A 332 25.36 4.42 12.15
C LEU A 332 25.50 5.14 10.83
N ASN A 333 25.54 4.40 9.72
CA ASN A 333 25.59 5.03 8.40
C ASN A 333 24.26 5.71 8.07
N LEU A 334 23.15 5.11 8.48
CA LEU A 334 21.84 5.69 8.16
C LEU A 334 21.65 7.02 8.89
N VAL A 335 22.00 7.08 10.16
CA VAL A 335 21.82 8.32 10.92
C VAL A 335 22.73 9.42 10.39
N GLN A 336 23.94 9.06 9.97
CA GLN A 336 24.84 10.04 9.37
C GLN A 336 24.26 10.61 8.09
N CYS A 337 23.69 9.75 7.24
CA CYS A 337 23.08 10.24 6.00
C CYS A 337 21.91 11.16 6.29
N ILE A 338 21.12 10.85 7.31
CA ILE A 338 19.97 11.68 7.65
C ILE A 338 20.45 13.01 8.22
N GLN A 339 21.37 12.98 9.18
CA GLN A 339 21.82 14.20 9.86
C GLN A 339 22.58 15.11 8.91
N ASN A 340 23.60 14.57 8.23
CA ASN A 340 24.45 15.40 7.37
C ASN A 340 25.12 14.46 6.35
N LYS A 341 24.42 14.22 5.24
CA LYS A 341 24.94 13.28 4.24
C LYS A 341 26.27 13.71 3.63
N PRO A 342 26.53 15.00 3.34
CA PRO A 342 27.88 15.36 2.85
C PRO A 342 28.97 15.09 3.86
N LEU A 343 28.72 15.36 5.14
CA LEU A 343 29.69 15.00 6.16
C LEU A 343 29.90 13.49 6.23
N TYR A 344 28.85 12.71 5.98
CA TYR A 344 28.99 11.25 5.93
C TYR A 344 30.00 10.84 4.86
N PHE A 345 29.92 11.47 3.69
CA PHE A 345 30.82 11.12 2.59
C PHE A 345 32.23 11.67 2.83
N ALA A 346 32.33 12.87 3.40
CA ALA A 346 33.65 13.41 3.73
C ALA A 346 34.35 12.51 4.74
N ASP A 347 33.59 11.94 5.69
CA ASP A 347 34.19 11.02 6.65
C ASP A 347 34.65 9.73 5.96
N ARG A 348 33.86 9.21 5.03
CA ARG A 348 34.25 7.98 4.35
C ARG A 348 35.46 8.22 3.45
N LEU A 349 35.54 9.39 2.81
CA LEU A 349 36.70 9.71 1.98
C LEU A 349 37.97 9.78 2.82
N TYR A 350 37.88 10.38 4.01
CA TYR A 350 39.03 10.46 4.90
C TYR A 350 39.47 9.07 5.35
N ASP A 351 38.51 8.20 5.66
CA ASP A 351 38.86 6.84 6.08
C ASP A 351 39.47 6.04 4.95
N SER A 352 39.11 6.35 3.70
CA SER A 352 39.66 5.60 2.57
C SER A 352 41.12 5.96 2.30
N MET A 353 41.61 7.06 2.87
CA MET A 353 42.96 7.54 2.57
C MET A 353 43.81 7.77 3.81
N LYS A 354 43.26 7.62 5.02
CA LYS A 354 43.99 8.02 6.22
C LYS A 354 45.15 7.08 6.53
N GLY A 355 45.04 5.81 6.18
CA GLY A 355 46.01 4.81 6.57
C GLY A 355 46.99 4.44 5.46
N LYS A 356 47.67 3.32 5.66
CA LYS A 356 48.57 2.81 4.64
C LYS A 356 47.79 2.46 3.38
N GLY A 357 48.29 2.93 2.24
CA GLY A 357 47.60 2.65 1.00
C GLY A 357 46.29 3.40 0.89
N THR A 358 45.40 2.86 0.06
CA THR A 358 44.13 3.50 -0.23
C THR A 358 43.09 2.43 -0.48
N ARG A 359 41.93 2.58 0.16
CA ARG A 359 40.75 1.79 -0.18
C ARG A 359 40.16 2.41 -1.44
N ASP A 360 40.75 2.04 -2.58
CA ASP A 360 40.38 2.66 -3.85
C ASP A 360 38.92 2.38 -4.21
N LYS A 361 38.39 1.23 -3.79
CA LYS A 361 36.99 0.91 -4.08
C LYS A 361 36.05 1.98 -3.54
N VAL A 362 36.36 2.51 -2.36
CA VAL A 362 35.48 3.51 -1.75
C VAL A 362 35.81 4.90 -2.27
N LEU A 363 37.10 5.20 -2.47
CA LEU A 363 37.48 6.53 -2.97
C LEU A 363 36.91 6.76 -4.38
N ILE A 364 37.02 5.77 -5.25
CA ILE A 364 36.53 5.92 -6.61
C ILE A 364 35.03 6.09 -6.63
N ARG A 365 34.31 5.24 -5.89
CA ARG A 365 32.85 5.24 -5.93
C ARG A 365 32.28 6.57 -5.41
N ILE A 366 32.87 7.13 -4.36
CA ILE A 366 32.37 8.39 -3.82
C ILE A 366 32.65 9.53 -4.79
N MET A 367 33.79 9.48 -5.49
CA MET A 367 34.10 10.55 -6.42
C MET A 367 33.28 10.44 -7.71
N VAL A 368 32.92 9.22 -8.10
CA VAL A 368 32.11 9.04 -9.30
C VAL A 368 30.65 9.35 -9.01
N SER A 369 30.09 8.77 -7.94
CA SER A 369 28.66 8.86 -7.69
C SER A 369 28.23 10.21 -7.14
N ARG A 370 29.12 10.95 -6.49
CA ARG A 370 28.74 12.21 -5.86
C ARG A 370 29.32 13.44 -6.54
N SER A 371 30.02 13.26 -7.68
CA SER A 371 30.61 14.41 -8.36
C SER A 371 29.56 15.36 -8.88
N GLU A 372 28.36 14.86 -9.20
CA GLU A 372 27.29 15.69 -9.73
C GLU A 372 26.12 15.81 -8.77
N VAL A 373 26.33 15.52 -7.49
CA VAL A 373 25.26 15.58 -6.49
C VAL A 373 25.58 16.63 -5.44
N ASP A 374 26.54 16.32 -4.56
CA ASP A 374 26.84 17.20 -3.44
C ASP A 374 28.34 17.27 -3.16
N MET A 375 29.17 17.16 -4.20
CA MET A 375 30.62 17.19 -3.98
C MET A 375 31.09 18.52 -3.42
N LEU A 376 30.44 19.63 -3.81
CA LEU A 376 30.80 20.92 -3.25
C LEU A 376 30.57 20.95 -1.73
N LYS A 377 29.49 20.30 -1.27
CA LYS A 377 29.24 20.22 0.17
C LYS A 377 30.17 19.22 0.84
N ILE A 378 30.53 18.13 0.17
CA ILE A 378 31.50 17.19 0.74
C ILE A 378 32.84 17.89 0.94
N ARG A 379 33.24 18.73 -0.02
CA ARG A 379 34.52 19.40 0.06
C ARG A 379 34.54 20.46 1.16
N SER A 380 33.46 21.23 1.27
CA SER A 380 33.43 22.32 2.24
C SER A 380 33.52 21.82 3.67
N GLU A 381 33.05 20.59 3.93
CA GLU A 381 33.10 20.05 5.28
C GLU A 381 34.30 19.12 5.49
N PHE A 382 34.85 18.55 4.43
CA PHE A 382 36.14 17.87 4.54
C PHE A 382 37.21 18.86 4.97
N LYS A 383 37.24 20.03 4.35
CA LYS A 383 38.16 21.09 4.77
C LYS A 383 37.86 21.54 6.19
N ARG A 384 36.58 21.71 6.52
CA ARG A 384 36.20 22.25 7.82
C ARG A 384 36.64 21.32 8.96
N LYS A 385 36.41 20.02 8.80
CA LYS A 385 36.69 19.08 9.88
C LYS A 385 38.18 18.75 9.97
N TYR A 386 38.83 18.49 8.84
CA TYR A 386 40.17 17.93 8.83
C TYR A 386 41.27 18.96 8.63
N GLY A 387 40.94 20.19 8.27
CA GLY A 387 41.92 21.25 8.15
C GLY A 387 42.58 21.39 6.79
N LYS A 388 42.56 20.33 5.98
CA LYS A 388 43.09 20.38 4.62
C LYS A 388 42.01 19.94 3.64
N SER A 389 42.25 20.22 2.37
CA SER A 389 41.26 19.98 1.34
C SER A 389 41.19 18.49 0.98
N LEU A 390 40.02 18.10 0.46
CA LEU A 390 39.91 16.80 -0.19
C LEU A 390 40.86 16.69 -1.37
N TYR A 391 41.11 17.81 -2.05
CA TYR A 391 42.13 17.87 -3.10
C TYR A 391 43.49 17.49 -2.53
N TYR A 392 43.84 18.01 -1.36
CA TYR A 392 45.13 17.72 -0.74
C TYR A 392 45.29 16.24 -0.43
N TYR A 393 44.23 15.59 0.05
CA TYR A 393 44.35 14.18 0.42
C TYR A 393 44.43 13.29 -0.81
N ILE A 394 43.65 13.60 -1.85
CA ILE A 394 43.76 12.86 -3.11
C ILE A 394 45.14 13.07 -3.71
N GLN A 395 45.68 14.28 -3.57
CA GLN A 395 47.02 14.57 -4.08
C GLN A 395 48.08 13.72 -3.36
N GLN A 396 47.93 13.51 -2.06
CA GLN A 396 48.93 12.77 -1.31
C GLN A 396 48.76 11.27 -1.41
N ASP A 397 47.57 10.78 -1.78
CA ASP A 397 47.31 9.35 -1.75
C ASP A 397 47.37 8.68 -3.11
N THR A 398 47.31 9.43 -4.20
CA THR A 398 47.28 8.86 -5.54
C THR A 398 48.30 9.57 -6.41
N LYS A 399 48.66 8.93 -7.53
CA LYS A 399 49.63 9.47 -8.46
C LYS A 399 49.21 9.11 -9.87
N GLY A 400 49.93 9.67 -10.85
CA GLY A 400 49.71 9.34 -12.24
C GLY A 400 48.44 9.99 -12.79
N ASP A 401 47.96 9.41 -13.90
CA ASP A 401 46.72 9.87 -14.52
C ASP A 401 45.51 9.52 -13.67
N TYR A 402 45.61 8.50 -12.82
CA TYR A 402 44.54 8.17 -11.89
C TYR A 402 44.31 9.29 -10.89
N GLN A 403 45.39 9.95 -10.45
CA GLN A 403 45.24 11.12 -9.59
C GLN A 403 44.59 12.27 -10.34
N LYS A 404 44.97 12.48 -11.60
CA LYS A 404 44.44 13.61 -12.36
C LYS A 404 42.93 13.51 -12.53
N ALA A 405 42.43 12.29 -12.76
CA ALA A 405 41.00 12.10 -12.95
C ALA A 405 40.23 12.37 -11.65
N LEU A 406 40.74 11.90 -10.52
CA LEU A 406 40.07 12.14 -9.25
C LEU A 406 40.07 13.63 -8.90
N LEU A 407 41.18 14.32 -9.15
CA LEU A 407 41.22 15.76 -8.89
C LEU A 407 40.29 16.52 -9.81
N TYR A 408 40.03 15.99 -11.01
CA TYR A 408 39.03 16.61 -11.87
C TYR A 408 37.63 16.42 -11.29
N LEU A 409 37.32 15.21 -10.82
CA LEU A 409 36.03 14.97 -10.18
C LEU A 409 35.90 15.75 -8.87
N CYS A 410 37.02 16.07 -8.23
CA CYS A 410 36.96 16.91 -7.04
C CYS A 410 36.58 18.34 -7.41
N GLY A 411 37.18 18.88 -8.47
CA GLY A 411 36.75 20.14 -9.04
C GLY A 411 37.54 21.35 -8.59
N GLY A 412 38.41 21.20 -7.60
CA GLY A 412 39.23 22.33 -7.18
C GLY A 412 39.80 22.10 -5.80
N ASP A 413 40.75 22.97 -5.45
CA ASP A 413 41.37 22.93 -4.13
C ASP A 413 40.49 23.66 -3.13
N ASP A 414 40.42 23.12 -1.92
CA ASP A 414 39.47 23.54 -0.88
C ASP A 414 38.03 23.35 -1.37
N GLY B 1 -23.54 -2.04 17.97
CA GLY B 1 -24.33 -2.17 19.16
C GLY B 1 -25.69 -2.83 18.93
N SER B 2 -25.76 -4.13 19.17
CA SER B 2 -26.99 -4.89 18.94
C SER B 2 -27.94 -4.65 20.11
N HIS B 3 -29.04 -5.43 20.16
CA HIS B 3 -30.10 -5.19 21.12
C HIS B 3 -30.24 -6.37 22.08
N MET B 4 -31.07 -6.17 23.09
CA MET B 4 -31.27 -7.14 24.15
C MET B 4 -31.98 -8.38 23.61
N GLY B 5 -31.35 -9.54 23.79
CA GLY B 5 -31.94 -10.79 23.34
C GLY B 5 -33.09 -11.22 24.24
N GLY B 6 -33.62 -12.39 23.91
CA GLY B 6 -34.77 -12.91 24.64
C GLY B 6 -36.08 -12.48 24.03
N GLU B 7 -37.08 -13.36 24.14
CA GLU B 7 -38.42 -13.04 23.68
C GLU B 7 -39.04 -11.97 24.57
N ARG B 8 -39.74 -11.02 23.95
CA ARG B 8 -40.38 -9.92 24.66
C ARG B 8 -41.82 -9.76 24.17
N THR B 9 -42.72 -9.42 25.09
CA THR B 9 -44.10 -9.09 24.74
C THR B 9 -44.25 -7.59 24.55
N VAL B 10 -44.99 -7.21 23.52
CA VAL B 10 -45.22 -5.80 23.19
C VAL B 10 -46.67 -5.64 22.76
N THR B 11 -47.34 -4.63 23.31
CA THR B 11 -48.72 -4.32 22.95
C THR B 11 -48.73 -3.02 22.15
N ILE B 12 -49.31 -3.07 20.95
CA ILE B 12 -49.40 -1.93 20.05
C ILE B 12 -50.85 -1.53 19.89
N ARG B 13 -51.11 -0.23 19.82
CA ARG B 13 -52.43 0.30 19.58
C ARG B 13 -52.55 0.77 18.14
N ARG B 14 -53.70 0.52 17.53
CA ARG B 14 -53.95 0.99 16.18
C ARG B 14 -54.01 2.51 16.16
N GLN B 15 -53.44 3.11 15.11
CA GLN B 15 -53.34 4.55 15.05
C GLN B 15 -54.68 5.17 14.66
N THR B 16 -54.73 6.50 14.70
CA THR B 16 -55.92 7.23 14.30
C THR B 16 -56.17 7.16 12.80
N VAL B 17 -55.14 6.84 12.01
CA VAL B 17 -55.28 6.75 10.56
C VAL B 17 -55.43 5.29 10.17
N GLY B 18 -55.81 4.45 11.14
CA GLY B 18 -56.17 3.08 10.86
C GLY B 18 -55.03 2.09 10.68
N GLY B 19 -53.81 2.45 11.06
CA GLY B 19 -52.71 1.51 10.98
C GLY B 19 -52.01 1.30 12.30
N PHE B 20 -50.88 0.59 12.29
CA PHE B 20 -50.05 0.43 13.46
C PHE B 20 -48.74 1.20 13.38
N GLY B 21 -48.53 1.96 12.31
CA GLY B 21 -47.29 2.71 12.16
C GLY B 21 -46.07 1.83 11.99
N LEU B 22 -46.23 0.61 11.50
CA LEU B 22 -45.15 -0.35 11.40
C LEU B 22 -44.90 -0.70 9.94
N SER B 23 -43.63 -0.93 9.62
CA SER B 23 -43.23 -1.49 8.34
C SER B 23 -42.54 -2.82 8.60
N ILE B 24 -42.82 -3.80 7.76
CA ILE B 24 -42.30 -5.16 7.95
C ILE B 24 -41.67 -5.64 6.66
N LYS B 25 -40.61 -6.45 6.80
CA LYS B 25 -39.95 -7.12 5.70
C LYS B 25 -39.86 -8.62 6.04
N GLY B 26 -39.31 -9.38 5.11
CA GLY B 26 -39.11 -10.80 5.33
C GLY B 26 -40.37 -11.61 5.10
N GLY B 27 -40.42 -12.77 5.75
CA GLY B 27 -41.51 -13.71 5.60
C GLY B 27 -41.01 -15.07 5.13
N ALA B 28 -41.96 -16.01 5.08
CA ALA B 28 -41.64 -17.37 4.67
C ALA B 28 -41.12 -17.43 3.23
N GLU B 29 -41.39 -16.41 2.42
CA GLU B 29 -40.84 -16.37 1.06
C GLU B 29 -39.32 -16.35 1.10
N HIS B 30 -38.74 -15.61 2.05
CA HIS B 30 -37.30 -15.50 2.19
C HIS B 30 -36.75 -16.38 3.31
N ASN B 31 -37.56 -17.33 3.78
CA ASN B 31 -37.14 -18.32 4.78
C ASN B 31 -36.67 -17.66 6.07
N ILE B 32 -37.32 -16.56 6.44
CA ILE B 32 -37.05 -15.86 7.70
C ILE B 32 -38.36 -15.38 8.28
N PRO B 33 -38.42 -15.19 9.60
CA PRO B 33 -39.60 -14.57 10.20
C PRO B 33 -39.77 -13.14 9.72
N VAL B 34 -41.00 -12.64 9.85
CA VAL B 34 -41.28 -11.26 9.51
C VAL B 34 -40.58 -10.33 10.51
N VAL B 35 -39.99 -9.26 10.00
CA VAL B 35 -39.14 -8.38 10.79
C VAL B 35 -39.62 -6.94 10.65
N VAL B 36 -39.67 -6.22 11.77
CA VAL B 36 -40.09 -4.82 11.77
C VAL B 36 -39.02 -3.97 11.09
N SER B 37 -39.42 -3.25 10.05
CA SER B 37 -38.51 -2.38 9.30
C SER B 37 -38.53 -0.93 9.75
N LYS B 38 -39.67 -0.45 10.24
CA LYS B 38 -39.79 0.95 10.62
C LYS B 38 -40.92 1.08 11.65
N ILE B 39 -40.72 1.96 12.61
CA ILE B 39 -41.72 2.27 13.62
C ILE B 39 -42.01 3.76 13.54
N SER B 40 -43.29 4.11 13.37
CA SER B 40 -43.69 5.51 13.22
C SER B 40 -43.44 6.28 14.51
N LYS B 41 -43.51 7.60 14.40
CA LYS B 41 -43.26 8.46 15.55
C LYS B 41 -44.33 8.29 16.61
N GLU B 42 -45.60 8.19 16.20
CA GLU B 42 -46.69 8.07 17.16
C GLU B 42 -46.68 6.69 17.83
N GLN B 43 -46.51 5.63 17.03
CA GLN B 43 -46.46 4.29 17.60
C GLN B 43 -45.29 4.15 18.56
N ARG B 44 -44.17 4.79 18.25
CA ARG B 44 -43.02 4.76 19.16
C ARG B 44 -43.38 5.33 20.53
N ALA B 45 -44.32 6.28 20.57
CA ALA B 45 -44.75 6.88 21.83
C ALA B 45 -45.85 6.08 22.52
N GLU B 46 -46.83 5.58 21.75
CA GLU B 46 -47.90 4.78 22.34
C GLU B 46 -47.46 3.35 22.65
N LEU B 47 -46.24 2.97 22.27
CA LEU B 47 -45.76 1.61 22.52
C LEU B 47 -45.75 1.31 24.01
N SER B 48 -46.22 0.12 24.37
CA SER B 48 -46.08 -0.42 25.71
C SER B 48 -45.19 -1.66 25.63
N GLY B 49 -43.95 -1.51 26.10
CA GLY B 49 -42.92 -2.51 25.93
C GLY B 49 -41.74 -1.93 25.19
N LEU B 50 -40.87 -2.82 24.72
CA LEU B 50 -39.68 -2.45 23.96
C LEU B 50 -39.74 -3.09 22.58
N LEU B 51 -39.84 -2.25 21.55
CA LEU B 51 -39.87 -2.71 20.16
C LEU B 51 -38.73 -2.04 19.40
N PHE B 52 -37.88 -2.85 18.79
CA PHE B 52 -36.72 -2.36 18.05
C PHE B 52 -36.85 -2.69 16.57
N ILE B 53 -36.23 -1.85 15.74
CA ILE B 53 -36.07 -2.18 14.34
C ILE B 53 -35.17 -3.40 14.22
N GLY B 54 -35.65 -4.43 13.53
CA GLY B 54 -34.96 -5.70 13.45
C GLY B 54 -35.61 -6.80 14.26
N ASP B 55 -36.59 -6.48 15.12
CA ASP B 55 -37.28 -7.50 15.89
C ASP B 55 -38.12 -8.40 14.97
N ALA B 56 -38.01 -9.70 15.17
CA ALA B 56 -38.85 -10.65 14.44
C ALA B 56 -40.18 -10.81 15.14
N ILE B 57 -41.25 -10.90 14.36
CA ILE B 57 -42.59 -11.07 14.89
C ILE B 57 -42.87 -12.58 14.94
N LEU B 58 -42.94 -13.12 16.16
CA LEU B 58 -43.19 -14.53 16.38
C LEU B 58 -44.66 -14.83 16.68
N GLN B 59 -45.32 -13.99 17.46
CA GLN B 59 -46.71 -14.22 17.84
C GLN B 59 -47.51 -12.93 17.75
N ILE B 60 -48.75 -13.06 17.31
CA ILE B 60 -49.69 -11.95 17.20
C ILE B 60 -50.95 -12.38 17.95
N ASN B 61 -51.11 -11.91 19.19
CA ASN B 61 -52.27 -12.24 20.02
C ASN B 61 -52.39 -13.75 20.20
N GLY B 62 -51.29 -14.41 20.56
CA GLY B 62 -51.27 -15.83 20.75
C GLY B 62 -51.15 -16.66 19.50
N ILE B 63 -51.36 -16.08 18.33
CA ILE B 63 -51.24 -16.80 17.06
C ILE B 63 -49.77 -16.84 16.67
N ASN B 64 -49.28 -18.03 16.33
CA ASN B 64 -47.89 -18.19 15.91
C ASN B 64 -47.75 -17.83 14.44
N VAL B 65 -46.93 -16.82 14.15
CA VAL B 65 -46.74 -16.33 12.79
C VAL B 65 -45.29 -16.47 12.34
N ARG B 66 -44.51 -17.35 12.98
CA ARG B 66 -43.12 -17.56 12.58
C ARG B 66 -43.02 -18.16 11.19
N LYS B 67 -44.02 -18.94 10.77
CA LYS B 67 -43.98 -19.65 9.51
C LYS B 67 -44.87 -19.05 8.44
N CYS B 68 -45.66 -18.02 8.76
CA CYS B 68 -46.57 -17.45 7.79
C CYS B 68 -45.81 -16.66 6.72
N ARG B 69 -46.45 -16.52 5.56
CA ARG B 69 -45.89 -15.72 4.48
C ARG B 69 -45.94 -14.23 4.85
N HIS B 70 -45.31 -13.41 4.00
CA HIS B 70 -45.30 -11.97 4.24
C HIS B 70 -46.71 -11.40 4.22
N GLU B 71 -47.45 -11.64 3.13
CA GLU B 71 -48.81 -11.14 3.05
C GLU B 71 -49.75 -11.83 4.02
N GLU B 72 -49.40 -13.04 4.48
CA GLU B 72 -50.20 -13.69 5.51
C GLU B 72 -50.21 -12.86 6.80
N VAL B 73 -49.04 -12.39 7.22
CA VAL B 73 -48.97 -11.55 8.41
C VAL B 73 -49.61 -10.18 8.14
N VAL B 74 -49.56 -9.72 6.89
CA VAL B 74 -50.17 -8.43 6.56
C VAL B 74 -51.67 -8.45 6.79
N GLN B 75 -52.35 -9.53 6.35
CA GLN B 75 -53.79 -9.60 6.53
C GLN B 75 -54.16 -9.85 7.99
N VAL B 76 -53.32 -10.59 8.73
CA VAL B 76 -53.58 -10.81 10.15
C VAL B 76 -53.56 -9.49 10.90
N LEU B 77 -52.67 -8.57 10.50
CA LEU B 77 -52.55 -7.30 11.19
C LEU B 77 -53.69 -6.35 10.87
N ARG B 78 -54.17 -6.35 9.61
CA ARG B 78 -55.29 -5.49 9.26
C ARG B 78 -56.64 -6.06 9.67
N ASN B 79 -56.69 -7.34 10.07
CA ASN B 79 -57.92 -7.95 10.56
C ASN B 79 -57.96 -8.00 12.08
N ALA B 80 -57.15 -7.20 12.75
CA ALA B 80 -57.06 -7.19 14.20
C ALA B 80 -57.73 -5.95 14.76
N GLY B 81 -58.05 -6.01 16.05
CA GLY B 81 -58.70 -4.90 16.72
C GLY B 81 -57.79 -3.71 16.95
N GLU B 82 -58.19 -2.82 17.86
CA GLU B 82 -57.42 -1.62 18.13
C GLU B 82 -56.17 -1.88 18.95
N GLU B 83 -56.04 -3.07 19.55
CA GLU B 83 -54.91 -3.37 20.43
C GLU B 83 -54.40 -4.76 20.11
N VAL B 84 -53.09 -4.89 19.90
CA VAL B 84 -52.46 -6.14 19.50
C VAL B 84 -51.26 -6.39 20.40
N THR B 85 -51.17 -7.59 20.96
CA THR B 85 -50.03 -8.02 21.75
C THR B 85 -49.10 -8.85 20.88
N LEU B 86 -47.84 -8.44 20.81
CA LEU B 86 -46.83 -9.13 20.01
C LEU B 86 -45.82 -9.82 20.92
N THR B 87 -45.32 -10.96 20.44
CA THR B 87 -44.17 -11.63 21.03
C THR B 87 -43.03 -11.56 20.02
N VAL B 88 -41.98 -10.81 20.35
CA VAL B 88 -40.90 -10.51 19.43
C VAL B 88 -39.56 -10.88 20.07
N SER B 89 -38.55 -10.98 19.22
CA SER B 89 -37.17 -11.15 19.67
C SER B 89 -36.25 -10.61 18.59
N PHE B 90 -35.18 -9.94 19.02
CA PHE B 90 -34.23 -9.37 18.08
C PHE B 90 -33.35 -10.47 17.50
N LEU B 91 -33.18 -10.44 16.18
CA LEU B 91 -32.40 -11.45 15.47
C LEU B 91 -30.96 -10.99 15.37
N LYS B 92 -30.05 -11.76 15.96
CA LYS B 92 -28.62 -11.49 15.90
C LYS B 92 -27.91 -12.60 15.13
N ARG B 93 -26.63 -12.37 14.88
CA ARG B 93 -25.82 -13.30 14.10
C ARG B 93 -25.25 -14.40 14.99
N ALA B 94 -25.04 -15.56 14.38
CA ALA B 94 -24.52 -16.74 15.06
C ALA B 94 -23.55 -17.47 14.13
N PRO B 95 -22.46 -18.00 14.67
CA PRO B 95 -21.48 -18.70 13.82
C PRO B 95 -22.09 -19.96 13.18
N GLY B 96 -21.88 -20.09 11.88
CA GLY B 96 -22.41 -21.21 11.13
C GLY B 96 -23.91 -21.32 11.05
N SER B 97 -24.65 -20.29 11.48
CA SER B 97 -26.10 -20.33 11.49
C SER B 97 -26.65 -19.11 10.77
N ALA B 98 -27.95 -19.13 10.50
CA ALA B 98 -28.63 -17.95 10.00
C ALA B 98 -28.92 -16.98 11.15
N TYR B 99 -29.31 -15.77 10.77
CA TYR B 99 -29.76 -14.76 11.74
C TYR B 99 -31.25 -14.99 12.01
N GLY B 100 -31.57 -15.46 13.22
CA GLY B 100 -32.93 -15.84 13.54
C GLY B 100 -33.08 -16.58 14.85
N SER B 101 -32.30 -17.64 15.06
CA SER B 101 -32.43 -18.48 16.25
C SER B 101 -31.39 -18.06 17.27
N VAL B 102 -31.74 -17.09 18.09
CA VAL B 102 -30.86 -16.55 19.13
C VAL B 102 -31.63 -16.53 20.44
N LYS B 103 -31.00 -17.02 21.49
CA LYS B 103 -31.54 -16.99 22.84
C LYS B 103 -31.04 -15.76 23.57
N ALA B 104 -31.37 -15.67 24.86
CA ALA B 104 -30.94 -14.57 25.71
C ALA B 104 -29.63 -14.96 26.41
N TYR B 105 -28.56 -14.25 26.06
CA TYR B 105 -27.24 -14.45 26.66
C TYR B 105 -26.97 -13.32 27.63
N THR B 106 -26.95 -13.63 28.93
CA THR B 106 -26.86 -12.64 29.98
C THR B 106 -25.48 -12.68 30.64
N ASN B 107 -25.31 -11.83 31.66
CA ASN B 107 -24.04 -11.80 32.40
C ASN B 107 -23.78 -13.13 33.09
N PHE B 108 -24.83 -13.78 33.58
CA PHE B 108 -24.65 -15.10 34.19
C PHE B 108 -24.17 -16.12 33.16
N ASP B 109 -24.69 -16.04 31.93
CA ASP B 109 -24.21 -16.92 30.87
C ASP B 109 -22.74 -16.67 30.59
N ALA B 110 -22.32 -15.40 30.62
CA ALA B 110 -20.92 -15.08 30.40
C ALA B 110 -20.04 -15.54 31.56
N GLU B 111 -20.57 -15.50 32.78
CA GLU B 111 -19.82 -15.96 33.94
C GLU B 111 -19.62 -17.48 33.90
N ARG B 112 -20.69 -18.22 33.64
CA ARG B 112 -20.60 -19.67 33.56
C ARG B 112 -19.62 -20.10 32.47
N ASP B 113 -19.73 -19.49 31.29
CA ASP B 113 -18.82 -19.81 30.19
C ASP B 113 -17.38 -19.47 30.54
N ALA B 114 -17.17 -18.40 31.31
CA ALA B 114 -15.81 -18.03 31.73
C ALA B 114 -15.24 -19.08 32.68
N LEU B 115 -16.04 -19.51 33.67
CA LEU B 115 -15.55 -20.50 34.63
C LEU B 115 -15.23 -21.82 33.94
N ASN B 116 -16.09 -22.25 33.01
CA ASN B 116 -15.83 -23.50 32.30
C ASN B 116 -14.62 -23.40 31.39
N ILE B 117 -14.24 -22.20 30.96
CA ILE B 117 -13.01 -22.04 30.20
C ILE B 117 -11.81 -22.03 31.14
N GLU B 118 -11.92 -21.35 32.28
CA GLU B 118 -10.84 -21.36 33.26
C GLU B 118 -10.60 -22.76 33.80
N THR B 119 -11.66 -23.54 34.00
CA THR B 119 -11.47 -24.93 34.42
C THR B 119 -10.79 -25.75 33.33
N ALA B 120 -11.17 -25.52 32.07
CA ALA B 120 -10.52 -26.23 30.97
C ALA B 120 -9.05 -25.87 30.85
N ILE B 121 -8.68 -24.62 31.15
CA ILE B 121 -7.28 -24.22 31.08
C ILE B 121 -6.48 -24.86 32.20
N LYS B 122 -6.97 -24.74 33.44
CA LYS B 122 -6.25 -25.27 34.60
C LYS B 122 -6.23 -26.79 34.65
N THR B 123 -7.03 -27.46 33.83
CA THR B 123 -6.95 -28.91 33.73
C THR B 123 -5.59 -29.32 33.17
N LYS B 124 -4.98 -30.33 33.79
CA LYS B 124 -3.68 -30.80 33.35
C LYS B 124 -3.75 -31.26 31.90
N GLY B 125 -2.87 -30.72 31.06
CA GLY B 125 -2.89 -30.98 29.64
C GLY B 125 -3.80 -30.07 28.84
N VAL B 126 -4.64 -29.28 29.51
CA VAL B 126 -5.58 -28.34 28.91
C VAL B 126 -6.68 -29.10 28.17
N ASP B 127 -7.94 -28.75 28.48
CA ASP B 127 -9.09 -29.36 27.81
C ASP B 127 -9.49 -28.48 26.63
N GLU B 128 -8.78 -28.68 25.51
CA GLU B 128 -9.08 -27.90 24.31
C GLU B 128 -10.49 -28.18 23.80
N VAL B 129 -11.03 -29.37 24.11
CA VAL B 129 -12.36 -29.72 23.61
C VAL B 129 -13.41 -28.77 24.18
N THR B 130 -13.32 -28.48 25.48
CA THR B 130 -14.26 -27.56 26.11
C THR B 130 -14.05 -26.13 25.61
N ILE B 131 -12.80 -25.74 25.38
CA ILE B 131 -12.52 -24.37 24.96
C ILE B 131 -13.07 -24.11 23.56
N VAL B 132 -12.98 -25.09 22.67
CA VAL B 132 -13.49 -24.88 21.32
C VAL B 132 -14.99 -25.15 21.25
N ASN B 133 -15.52 -26.01 22.11
CA ASN B 133 -16.96 -26.25 22.11
C ASN B 133 -17.73 -25.05 22.62
N ILE B 134 -17.09 -24.18 23.40
CA ILE B 134 -17.76 -22.98 23.91
C ILE B 134 -17.53 -21.83 22.95
N LEU B 135 -16.26 -21.48 22.69
CA LEU B 135 -15.96 -20.26 21.96
C LEU B 135 -16.44 -20.32 20.51
N THR B 136 -16.32 -21.48 19.86
CA THR B 136 -16.75 -21.59 18.47
C THR B 136 -18.27 -21.69 18.34
N ASN B 137 -19.00 -21.74 19.45
CA ASN B 137 -20.46 -21.79 19.45
C ASN B 137 -21.07 -20.57 20.13
N ARG B 138 -20.29 -19.50 20.28
CA ARG B 138 -20.78 -18.22 20.78
C ARG B 138 -20.55 -17.16 19.72
N SER B 139 -21.41 -16.14 19.71
CA SER B 139 -21.24 -15.05 18.77
C SER B 139 -20.05 -14.17 19.19
N ASN B 140 -19.58 -13.37 18.23
CA ASN B 140 -18.45 -12.48 18.50
C ASN B 140 -18.79 -11.51 19.64
N GLU B 141 -20.04 -11.05 19.70
CA GLU B 141 -20.46 -10.17 20.79
C GLU B 141 -20.41 -10.90 22.13
N GLN B 142 -20.79 -12.18 22.14
CA GLN B 142 -20.78 -12.95 23.38
C GLN B 142 -19.38 -13.32 23.80
N ARG B 143 -18.46 -13.49 22.85
CA ARG B 143 -17.06 -13.74 23.21
C ARG B 143 -16.46 -12.54 23.95
N GLN B 144 -16.91 -11.32 23.61
CA GLN B 144 -16.50 -10.16 24.38
C GLN B 144 -17.07 -10.20 25.79
N ASP B 145 -18.32 -10.68 25.93
CA ASP B 145 -18.90 -10.82 27.26
C ASP B 145 -18.12 -11.84 28.09
N ILE B 146 -17.69 -12.93 27.46
CA ILE B 146 -16.91 -13.95 28.16
C ILE B 146 -15.57 -13.37 28.60
N ALA B 147 -14.91 -12.61 27.72
CA ALA B 147 -13.62 -12.03 28.06
C ALA B 147 -13.73 -11.07 29.25
N PHE B 148 -14.86 -10.39 29.38
CA PHE B 148 -15.04 -9.48 30.51
C PHE B 148 -15.18 -10.25 31.81
N ALA B 149 -16.09 -11.23 31.84
CA ALA B 149 -16.30 -12.02 33.05
C ALA B 149 -15.05 -12.81 33.43
N TYR B 150 -14.23 -13.18 32.43
CA TYR B 150 -12.99 -13.91 32.72
C TYR B 150 -11.97 -12.99 33.40
N GLN B 151 -11.78 -11.79 32.85
CA GLN B 151 -10.84 -10.84 33.45
C GLN B 151 -11.29 -10.42 34.84
N ARG B 152 -12.60 -10.42 35.10
CA ARG B 152 -13.09 -10.09 36.44
C ARG B 152 -12.90 -11.25 37.41
N ARG B 153 -13.20 -12.47 36.96
CA ARG B 153 -13.17 -13.61 37.88
C ARG B 153 -11.74 -14.06 38.19
N THR B 154 -10.85 -13.99 37.20
CA THR B 154 -9.52 -14.55 37.32
C THR B 154 -8.40 -13.52 37.40
N LYS B 155 -8.71 -12.24 37.16
CA LYS B 155 -7.71 -11.17 37.13
C LYS B 155 -6.67 -11.38 36.01
N LYS B 156 -7.07 -12.08 34.95
CA LYS B 156 -6.20 -12.31 33.80
C LYS B 156 -7.00 -12.07 32.52
N GLU B 157 -6.34 -11.49 31.52
CA GLU B 157 -6.98 -11.30 30.23
C GLU B 157 -7.13 -12.65 29.52
N LEU B 158 -8.31 -12.87 28.95
CA LEU B 158 -8.61 -14.17 28.34
C LEU B 158 -7.70 -14.46 27.15
N ALA B 159 -7.36 -13.43 26.37
CA ALA B 159 -6.54 -13.63 25.18
C ALA B 159 -5.15 -14.14 25.56
N SER B 160 -4.54 -13.54 26.59
CA SER B 160 -3.21 -13.97 27.01
C SER B 160 -3.24 -15.36 27.61
N ALA B 161 -4.29 -15.69 28.38
CA ALA B 161 -4.37 -17.01 29.01
C ALA B 161 -4.51 -18.10 27.96
N LEU B 162 -5.29 -17.86 26.91
CA LEU B 162 -5.42 -18.84 25.83
C LEU B 162 -4.21 -18.84 24.92
N LYS B 163 -3.38 -17.79 24.94
CA LYS B 163 -2.14 -17.82 24.18
C LYS B 163 -1.11 -18.73 24.86
N SER B 164 -1.11 -18.77 26.19
CA SER B 164 -0.22 -19.67 26.92
C SER B 164 -0.74 -21.10 26.92
N ALA B 165 -2.06 -21.29 26.88
CA ALA B 165 -2.59 -22.65 26.95
C ALA B 165 -2.67 -23.30 25.59
N LEU B 166 -2.72 -22.51 24.51
CA LEU B 166 -2.87 -23.04 23.16
C LEU B 166 -1.70 -22.62 22.29
N SER B 167 -1.41 -23.44 21.28
CA SER B 167 -0.35 -23.18 20.32
C SER B 167 -0.86 -23.53 18.92
N GLY B 168 -0.03 -23.23 17.92
CA GLY B 168 -0.25 -23.68 16.55
C GLY B 168 -1.51 -23.10 15.91
N HIS B 169 -2.13 -23.93 15.07
CA HIS B 169 -3.25 -23.46 14.25
C HIS B 169 -4.51 -23.25 15.09
N LEU B 170 -4.75 -24.12 16.08
CA LEU B 170 -5.90 -23.92 16.96
C LEU B 170 -5.79 -22.59 17.70
N GLU B 171 -4.59 -22.23 18.14
CA GLU B 171 -4.40 -20.95 18.81
C GLU B 171 -4.78 -19.80 17.90
N THR B 172 -4.35 -19.86 16.62
CA THR B 172 -4.68 -18.80 15.69
C THR B 172 -6.19 -18.66 15.50
N VAL B 173 -6.90 -19.79 15.46
CA VAL B 173 -8.36 -19.76 15.35
C VAL B 173 -8.98 -19.12 16.59
N ILE B 174 -8.62 -19.63 17.78
CA ILE B 174 -9.23 -19.16 19.02
C ILE B 174 -8.95 -17.68 19.24
N LEU B 175 -7.67 -17.28 19.11
CA LEU B 175 -7.32 -15.88 19.33
C LEU B 175 -7.91 -14.99 18.23
N GLY B 176 -8.11 -15.53 17.04
CA GLY B 176 -8.79 -14.76 16.00
C GLY B 176 -10.26 -14.51 16.32
N LEU B 177 -10.93 -15.52 16.88
CA LEU B 177 -12.34 -15.36 17.25
C LEU B 177 -12.49 -14.38 18.41
N LEU B 178 -11.46 -14.24 19.25
CA LEU B 178 -11.57 -13.38 20.42
C LEU B 178 -11.59 -11.90 20.04
N LYS B 179 -11.00 -11.56 18.90
CA LYS B 179 -10.99 -10.17 18.45
C LYS B 179 -12.34 -9.80 17.82
N THR B 180 -12.67 -8.51 17.91
CA THR B 180 -13.82 -7.99 17.21
C THR B 180 -13.54 -8.02 15.70
N PRO B 181 -14.59 -7.97 14.87
CA PRO B 181 -14.36 -7.96 13.41
C PRO B 181 -13.39 -6.87 12.96
N ALA B 182 -13.51 -5.67 13.50
CA ALA B 182 -12.59 -4.60 13.16
C ALA B 182 -11.18 -4.89 13.68
N GLN B 183 -11.07 -5.34 14.93
CA GLN B 183 -9.77 -5.67 15.49
C GLN B 183 -9.11 -6.80 14.72
N TYR B 184 -9.88 -7.84 14.38
CA TYR B 184 -9.31 -8.97 13.66
C TYR B 184 -8.83 -8.56 12.28
N ASP B 185 -9.66 -7.83 11.52
CA ASP B 185 -9.24 -7.39 10.19
C ASP B 185 -8.04 -6.47 10.26
N ALA B 186 -8.05 -5.50 11.19
CA ALA B 186 -6.89 -4.64 11.35
C ALA B 186 -5.66 -5.43 11.74
N SER B 187 -5.82 -6.41 12.63
CA SER B 187 -4.68 -7.22 13.05
C SER B 187 -4.11 -8.01 11.89
N GLU B 188 -4.98 -8.58 11.05
CA GLU B 188 -4.54 -9.28 9.86
C GLU B 188 -3.96 -8.34 8.81
N LEU B 189 -4.33 -7.06 8.83
CA LEU B 189 -3.78 -6.10 7.88
C LEU B 189 -2.34 -5.73 8.20
N LYS B 190 -2.02 -5.57 9.49
CA LYS B 190 -0.64 -5.31 9.86
C LYS B 190 0.22 -6.55 9.68
N ALA B 191 -0.37 -7.74 9.92
CA ALA B 191 0.36 -8.98 9.69
C ALA B 191 0.78 -9.12 8.24
N SER B 192 -0.07 -8.68 7.30
CA SER B 192 0.28 -8.74 5.89
C SER B 192 1.35 -7.71 5.53
N MET B 193 1.49 -6.64 6.30
CA MET B 193 2.45 -5.59 6.04
C MET B 193 3.65 -5.61 6.97
N LYS B 194 3.77 -6.64 7.80
CA LYS B 194 4.93 -6.83 8.65
C LYS B 194 5.89 -7.82 7.99
N GLY B 195 7.17 -7.67 8.31
CA GLY B 195 8.18 -8.55 7.77
C GLY B 195 8.91 -7.96 6.57
N LEU B 196 9.68 -8.83 5.92
CA LEU B 196 10.53 -8.39 4.81
C LEU B 196 9.69 -7.92 3.63
N GLY B 197 8.82 -8.77 3.13
CA GLY B 197 7.96 -8.47 2.01
C GLY B 197 6.55 -8.11 2.45
N THR B 198 5.60 -8.32 1.54
CA THR B 198 4.20 -8.03 1.81
C THR B 198 3.37 -9.23 1.40
N ASP B 199 2.45 -9.63 2.27
CA ASP B 199 1.48 -10.69 1.95
C ASP B 199 0.35 -10.04 1.15
N GLU B 200 0.62 -9.87 -0.16
CA GLU B 200 -0.34 -9.18 -1.02
C GLU B 200 -1.69 -9.87 -1.04
N ASP B 201 -1.70 -11.21 -1.11
CA ASP B 201 -2.96 -11.93 -1.20
C ASP B 201 -3.84 -11.73 0.03
N SER B 202 -3.22 -11.55 1.21
CA SER B 202 -4.01 -11.24 2.39
C SER B 202 -4.49 -9.79 2.38
N LEU B 203 -3.61 -8.86 1.99
CA LEU B 203 -4.02 -7.47 1.90
C LEU B 203 -5.10 -7.27 0.85
N ILE B 204 -5.03 -8.04 -0.24
CA ILE B 204 -6.00 -7.89 -1.32
C ILE B 204 -7.36 -8.42 -0.91
N GLU B 205 -7.39 -9.55 -0.19
CA GLU B 205 -8.66 -10.15 0.20
C GLU B 205 -9.45 -9.24 1.14
N ILE B 206 -8.78 -8.69 2.14
CA ILE B 206 -9.48 -7.90 3.15
C ILE B 206 -9.98 -6.59 2.55
N ILE B 207 -9.12 -5.88 1.81
CA ILE B 207 -9.48 -4.57 1.30
C ILE B 207 -10.59 -4.68 0.25
N CYS B 208 -10.58 -5.75 -0.55
CA CYS B 208 -11.53 -5.85 -1.64
C CYS B 208 -12.89 -6.38 -1.19
N SER B 209 -12.94 -7.17 -0.12
CA SER B 209 -14.17 -7.83 0.29
C SER B 209 -14.94 -7.10 1.38
N ARG B 210 -14.36 -6.05 1.98
CA ARG B 210 -15.02 -5.35 3.07
C ARG B 210 -15.84 -4.17 2.54
N THR B 211 -16.99 -3.94 3.18
CA THR B 211 -17.93 -2.91 2.74
C THR B 211 -17.48 -1.54 3.26
N ASN B 212 -18.31 -0.53 3.02
CA ASN B 212 -17.97 0.83 3.45
C ASN B 212 -17.94 0.93 4.97
N GLN B 213 -19.00 0.48 5.64
CA GLN B 213 -19.05 0.61 7.09
C GLN B 213 -17.96 -0.22 7.77
N GLU B 214 -17.69 -1.41 7.25
CA GLU B 214 -16.63 -2.24 7.83
C GLU B 214 -15.27 -1.57 7.70
N LEU B 215 -14.99 -0.98 6.53
CA LEU B 215 -13.72 -0.28 6.34
C LEU B 215 -13.62 0.97 7.21
N GLN B 216 -14.75 1.60 7.51
CA GLN B 216 -14.72 2.76 8.40
C GLN B 216 -14.27 2.36 9.80
N GLU B 217 -14.79 1.24 10.32
CA GLU B 217 -14.39 0.78 11.64
C GLU B 217 -13.00 0.17 11.61
N ILE B 218 -12.62 -0.46 10.50
CA ILE B 218 -11.27 -1.01 10.38
C ILE B 218 -10.23 0.11 10.40
N ASN B 219 -10.52 1.22 9.73
CA ASN B 219 -9.61 2.37 9.77
C ASN B 219 -9.56 2.97 11.17
N ARG B 220 -10.68 2.99 11.88
CA ARG B 220 -10.72 3.57 13.22
C ARG B 220 -9.92 2.74 14.21
N VAL B 221 -10.06 1.41 14.16
CA VAL B 221 -9.40 0.56 15.13
C VAL B 221 -7.93 0.38 14.79
N TYR B 222 -7.58 0.35 13.50
CA TYR B 222 -6.18 0.26 13.10
C TYR B 222 -5.39 1.46 13.65
N LYS B 223 -6.01 2.64 13.68
CA LYS B 223 -5.34 3.81 14.22
C LYS B 223 -5.17 3.70 15.73
N GLU B 224 -6.16 3.14 16.42
CA GLU B 224 -6.09 3.04 17.87
C GLU B 224 -5.14 1.93 18.31
N MET B 225 -5.10 0.82 17.58
CA MET B 225 -4.24 -0.29 17.98
C MET B 225 -2.78 0.02 17.70
N TYR B 226 -2.47 0.52 16.50
CA TYR B 226 -1.11 0.60 16.00
C TYR B 226 -0.56 2.03 15.93
N LYS B 227 -1.38 3.04 16.23
CA LYS B 227 -0.99 4.44 16.19
C LYS B 227 -0.46 4.87 14.81
N THR B 228 -0.73 4.06 13.79
CA THR B 228 -0.32 4.35 12.43
C THR B 228 -1.56 4.30 11.53
N ASP B 229 -1.74 5.34 10.72
CA ASP B 229 -2.84 5.36 9.78
C ASP B 229 -2.75 4.18 8.82
N LEU B 230 -3.89 3.51 8.60
CA LEU B 230 -3.91 2.37 7.70
C LEU B 230 -3.43 2.75 6.31
N GLU B 231 -3.83 3.94 5.83
CA GLU B 231 -3.38 4.39 4.51
C GLU B 231 -1.87 4.55 4.46
N LYS B 232 -1.28 5.15 5.50
CA LYS B 232 0.16 5.36 5.50
C LYS B 232 0.92 4.03 5.47
N ASP B 233 0.43 3.03 6.21
CA ASP B 233 1.07 1.72 6.15
C ASP B 233 0.88 1.06 4.78
N ILE B 234 -0.31 1.21 4.19
CA ILE B 234 -0.54 0.66 2.86
C ILE B 234 0.41 1.29 1.84
N ILE B 235 0.63 2.60 1.95
CA ILE B 235 1.53 3.28 1.03
C ILE B 235 2.96 2.80 1.21
N SER B 236 3.38 2.56 2.45
CA SER B 236 4.75 2.12 2.70
C SER B 236 4.98 0.67 2.24
N ASP B 237 3.92 -0.09 2.00
CA ASP B 237 4.05 -1.49 1.60
C ASP B 237 3.62 -1.75 0.16
N THR B 238 3.08 -0.75 -0.54
CA THR B 238 2.61 -0.92 -1.91
C THR B 238 3.30 0.10 -2.81
N SER B 239 3.08 -0.06 -4.12
CA SER B 239 3.69 0.84 -5.10
C SER B 239 2.87 0.82 -6.38
N GLY B 240 3.04 1.86 -7.18
CA GLY B 240 2.46 1.94 -8.50
C GLY B 240 0.93 2.05 -8.46
N ASP B 241 0.30 1.54 -9.52
CA ASP B 241 -1.15 1.56 -9.59
C ASP B 241 -1.77 0.62 -8.57
N PHE B 242 -1.05 -0.43 -8.19
CA PHE B 242 -1.51 -1.29 -7.10
C PHE B 242 -1.69 -0.51 -5.81
N ARG B 243 -0.79 0.45 -5.55
CA ARG B 243 -0.96 1.31 -4.38
C ARG B 243 -2.18 2.19 -4.52
N LYS B 244 -2.30 2.89 -5.65
CA LYS B 244 -3.45 3.77 -5.87
C LYS B 244 -4.76 3.04 -5.70
N LEU B 245 -4.83 1.78 -6.16
CA LEU B 245 -6.05 1.00 -6.07
C LEU B 245 -6.35 0.60 -4.63
N MET B 246 -5.32 0.21 -3.87
CA MET B 246 -5.52 -0.19 -2.49
C MET B 246 -5.89 0.99 -1.62
N VAL B 247 -5.24 2.14 -1.83
CA VAL B 247 -5.55 3.33 -1.05
C VAL B 247 -6.98 3.79 -1.34
N ALA B 248 -7.42 3.70 -2.59
CA ALA B 248 -8.77 4.11 -2.96
C ALA B 248 -9.82 3.25 -2.29
N LEU B 249 -9.66 1.91 -2.39
CA LEU B 249 -10.61 1.01 -1.77
C LEU B 249 -10.60 1.14 -0.24
N ALA B 250 -9.42 1.29 0.35
CA ALA B 250 -9.30 1.31 1.80
C ALA B 250 -9.97 2.52 2.43
N LYS B 251 -10.24 3.56 1.65
CA LYS B 251 -11.00 4.70 2.19
C LYS B 251 -12.43 4.30 2.53
N GLY B 252 -12.98 3.30 1.83
CA GLY B 252 -14.32 2.84 2.10
C GLY B 252 -15.38 3.91 1.87
N ARG B 253 -15.23 4.70 0.81
CA ARG B 253 -16.13 5.80 0.52
C ARG B 253 -16.76 5.65 -0.87
N ARG B 254 -17.12 4.42 -1.22
CA ARG B 254 -17.80 4.21 -2.50
C ARG B 254 -19.27 4.61 -2.37
N ALA B 255 -19.86 4.96 -3.52
CA ALA B 255 -21.24 5.42 -3.52
C ALA B 255 -22.17 4.34 -3.00
N GLU B 256 -23.05 4.72 -2.08
CA GLU B 256 -24.05 3.78 -1.58
C GLU B 256 -25.08 3.50 -2.68
N ASP B 257 -25.77 2.38 -2.53
CA ASP B 257 -26.69 1.91 -3.56
C ASP B 257 -27.80 2.95 -3.79
N GLY B 258 -27.93 3.40 -5.04
CA GLY B 258 -28.91 4.41 -5.36
C GLY B 258 -30.30 3.85 -5.57
N SER B 259 -31.29 4.71 -5.41
CA SER B 259 -32.69 4.32 -5.61
C SER B 259 -33.07 4.22 -7.08
N VAL B 260 -32.35 4.92 -7.95
CA VAL B 260 -32.65 4.96 -9.38
C VAL B 260 -31.50 4.31 -10.14
N ILE B 261 -31.84 3.46 -11.10
CA ILE B 261 -30.85 2.91 -12.01
C ILE B 261 -30.45 3.98 -13.01
N ASP B 262 -29.14 4.21 -13.14
CA ASP B 262 -28.63 5.24 -14.04
C ASP B 262 -28.15 4.56 -15.32
N TYR B 263 -29.10 4.29 -16.22
CA TYR B 263 -28.79 3.59 -17.45
C TYR B 263 -27.75 4.32 -18.28
N GLU B 264 -27.78 5.67 -18.25
CA GLU B 264 -26.80 6.43 -19.01
C GLU B 264 -25.41 6.29 -18.41
N LEU B 265 -25.32 6.17 -17.09
CA LEU B 265 -24.02 5.98 -16.45
C LEU B 265 -23.54 4.55 -16.59
N ILE B 266 -24.45 3.58 -16.63
CA ILE B 266 -24.07 2.20 -16.90
C ILE B 266 -23.42 2.09 -18.27
N ASP B 267 -24.03 2.73 -19.27
CA ASP B 267 -23.47 2.68 -20.62
C ASP B 267 -22.13 3.38 -20.69
N GLN B 268 -22.05 4.61 -20.15
CA GLN B 268 -20.83 5.39 -20.28
C GLN B 268 -19.68 4.75 -19.50
N ASP B 269 -19.96 4.20 -18.31
CA ASP B 269 -18.91 3.51 -17.56
C ASP B 269 -18.43 2.28 -18.31
N ALA B 270 -19.34 1.50 -18.88
CA ALA B 270 -18.95 0.29 -19.60
C ALA B 270 -18.09 0.63 -20.81
N ARG B 271 -18.46 1.68 -21.55
CA ARG B 271 -17.67 2.07 -22.71
C ARG B 271 -16.33 2.69 -22.29
N ASP B 272 -16.29 3.36 -21.14
CA ASP B 272 -15.04 3.91 -20.65
C ASP B 272 -14.05 2.81 -20.32
N LEU B 273 -14.52 1.77 -19.62
CA LEU B 273 -13.64 0.64 -19.30
C LEU B 273 -13.13 -0.04 -20.56
N TYR B 274 -13.95 -0.07 -21.62
CA TYR B 274 -13.50 -0.65 -22.87
C TYR B 274 -12.49 0.25 -23.56
N ASP B 275 -12.77 1.56 -23.62
CA ASP B 275 -11.86 2.51 -24.25
C ASP B 275 -10.54 2.64 -23.50
N ALA B 276 -10.51 2.31 -22.21
CA ALA B 276 -9.31 2.42 -21.41
C ALA B 276 -8.49 1.14 -21.39
N GLY B 277 -9.03 0.03 -21.87
CA GLY B 277 -8.33 -1.23 -21.79
C GLY B 277 -8.18 -1.95 -23.12
N VAL B 278 -9.13 -2.84 -23.41
CA VAL B 278 -9.01 -3.73 -24.56
C VAL B 278 -8.98 -2.96 -25.87
N LYS B 279 -9.69 -1.83 -25.96
CA LYS B 279 -9.79 -1.12 -27.23
C LYS B 279 -8.48 -0.45 -27.61
N ARG B 280 -7.69 -0.01 -26.64
CA ARG B 280 -6.50 0.79 -26.89
C ARG B 280 -5.23 0.01 -26.60
N LYS B 281 -4.09 0.62 -26.99
CA LYS B 281 -2.80 0.08 -26.63
C LYS B 281 -2.38 0.56 -25.24
N GLY B 282 -1.81 -0.34 -24.45
CA GLY B 282 -1.58 -0.05 -23.06
C GLY B 282 -2.89 -0.04 -22.28
N THR B 283 -2.88 0.67 -21.16
CA THR B 283 -4.06 0.69 -20.30
C THR B 283 -4.11 1.99 -19.54
N ASP B 284 -5.29 2.62 -19.51
CA ASP B 284 -5.54 3.77 -18.65
C ASP B 284 -6.03 3.24 -17.30
N VAL B 285 -5.07 2.79 -16.49
CA VAL B 285 -5.41 2.22 -15.19
C VAL B 285 -6.19 3.19 -14.31
N PRO B 286 -5.85 4.50 -14.24
CA PRO B 286 -6.64 5.40 -13.38
C PRO B 286 -8.14 5.38 -13.66
N LYS B 287 -8.54 5.24 -14.93
CA LYS B 287 -9.96 5.16 -15.24
C LYS B 287 -10.58 3.89 -14.65
N TRP B 288 -9.89 2.76 -14.77
CA TRP B 288 -10.35 1.53 -14.15
C TRP B 288 -10.48 1.69 -12.64
N ILE B 289 -9.47 2.30 -12.00
CA ILE B 289 -9.51 2.49 -10.57
C ILE B 289 -10.67 3.39 -10.16
N SER B 290 -10.90 4.46 -10.92
CA SER B 290 -11.93 5.42 -10.57
C SER B 290 -13.32 4.76 -10.61
N ILE B 291 -13.63 4.07 -11.71
CA ILE B 291 -14.97 3.51 -11.88
C ILE B 291 -15.20 2.38 -10.89
N MET B 292 -14.24 1.46 -10.77
CA MET B 292 -14.47 0.27 -9.96
C MET B 292 -14.40 0.51 -8.47
N THR B 293 -13.95 1.70 -8.03
CA THR B 293 -13.89 2.02 -6.61
C THR B 293 -14.95 3.02 -6.17
N GLU B 294 -15.49 3.83 -7.08
CA GLU B 294 -16.41 4.90 -6.70
C GLU B 294 -17.87 4.56 -6.92
N ARG B 295 -18.21 3.78 -7.95
CA ARG B 295 -19.60 3.44 -8.20
C ARG B 295 -20.09 2.42 -7.17
N SER B 296 -21.41 2.31 -7.05
CA SER B 296 -21.98 1.35 -6.13
C SER B 296 -21.82 -0.06 -6.69
N VAL B 297 -22.03 -1.05 -5.82
CA VAL B 297 -21.90 -2.45 -6.19
C VAL B 297 -23.01 -2.85 -7.17
N PRO B 298 -24.29 -2.58 -6.88
CA PRO B 298 -25.34 -2.93 -7.86
C PRO B 298 -25.17 -2.24 -9.20
N HIS B 299 -24.71 -0.99 -9.21
CA HIS B 299 -24.44 -0.31 -10.47
C HIS B 299 -23.32 -1.02 -11.24
N LEU B 300 -22.23 -1.37 -10.55
CA LEU B 300 -21.10 -2.01 -11.22
C LEU B 300 -21.45 -3.40 -11.73
N GLN B 301 -22.34 -4.11 -11.05
CA GLN B 301 -22.81 -5.39 -11.57
C GLN B 301 -23.44 -5.21 -12.95
N LYS B 302 -24.18 -4.11 -13.14
CA LYS B 302 -24.81 -3.85 -14.43
C LYS B 302 -23.83 -3.30 -15.45
N VAL B 303 -22.82 -2.57 -15.00
CA VAL B 303 -21.78 -2.07 -15.91
C VAL B 303 -21.01 -3.23 -16.52
N PHE B 304 -20.70 -4.26 -15.71
CA PHE B 304 -19.92 -5.39 -16.21
C PHE B 304 -20.70 -6.19 -17.24
N ASP B 305 -22.01 -6.36 -17.03
CA ASP B 305 -22.83 -7.01 -18.03
C ASP B 305 -22.84 -6.21 -19.33
N ARG B 306 -23.07 -4.90 -19.22
CA ARG B 306 -23.06 -4.04 -20.40
C ARG B 306 -21.68 -3.94 -21.01
N TYR B 307 -20.63 -4.14 -20.21
CA TYR B 307 -19.27 -4.16 -20.74
C TYR B 307 -19.11 -5.26 -21.79
N LYS B 308 -19.74 -6.41 -21.57
CA LYS B 308 -19.66 -7.52 -22.52
C LYS B 308 -20.34 -7.21 -23.85
N SER B 309 -21.04 -6.08 -23.96
CA SER B 309 -21.61 -5.67 -25.24
C SER B 309 -20.59 -4.96 -26.12
N TYR B 310 -19.61 -4.29 -25.51
CA TYR B 310 -18.54 -3.62 -26.24
C TYR B 310 -17.32 -4.51 -26.43
N SER B 311 -16.94 -5.27 -25.39
CA SER B 311 -15.71 -6.04 -25.45
C SER B 311 -15.99 -7.49 -25.82
N PRO B 312 -15.11 -8.10 -26.62
CA PRO B 312 -15.24 -9.53 -26.89
C PRO B 312 -14.90 -10.41 -25.69
N TYR B 313 -14.22 -9.87 -24.68
CA TYR B 313 -13.90 -10.60 -23.45
C TYR B 313 -14.57 -9.92 -22.27
N ASP B 314 -15.02 -10.71 -21.31
CA ASP B 314 -15.69 -10.15 -20.14
C ASP B 314 -14.68 -9.39 -19.28
N MET B 315 -15.16 -8.84 -18.17
CA MET B 315 -14.31 -7.99 -17.34
C MET B 315 -13.14 -8.77 -16.76
N LEU B 316 -13.39 -10.00 -16.27
CA LEU B 316 -12.31 -10.79 -15.69
C LEU B 316 -11.26 -11.14 -16.75
N GLU B 317 -11.71 -11.60 -17.92
CA GLU B 317 -10.77 -11.91 -18.99
C GLU B 317 -10.04 -10.66 -19.46
N SER B 318 -10.72 -9.52 -19.46
CA SER B 318 -10.06 -8.27 -19.84
C SER B 318 -9.01 -7.85 -18.83
N ILE B 319 -9.22 -8.18 -17.55
CA ILE B 319 -8.24 -7.84 -16.54
C ILE B 319 -6.95 -8.63 -16.75
N ARG B 320 -7.08 -9.93 -17.06
CA ARG B 320 -5.89 -10.76 -17.26
C ARG B 320 -5.08 -10.29 -18.46
N LYS B 321 -5.75 -9.83 -19.52
CA LYS B 321 -5.05 -9.43 -20.73
C LYS B 321 -4.42 -8.05 -20.61
N GLU B 322 -4.88 -7.22 -19.69
CA GLU B 322 -4.47 -5.81 -19.65
C GLU B 322 -3.42 -5.50 -18.60
N VAL B 323 -3.40 -6.22 -17.47
CA VAL B 323 -2.50 -5.92 -16.37
C VAL B 323 -1.89 -7.22 -15.84
N LYS B 324 -0.86 -7.07 -15.01
CA LYS B 324 -0.06 -8.18 -14.50
C LYS B 324 0.09 -8.07 -12.99
N GLY B 325 0.66 -9.12 -12.41
CA GLY B 325 1.17 -9.07 -11.05
C GLY B 325 0.11 -8.79 -10.01
N ASP B 326 0.50 -8.01 -9.00
CA ASP B 326 -0.41 -7.67 -7.91
C ASP B 326 -1.58 -6.84 -8.40
N LEU B 327 -1.39 -6.02 -9.43
CA LEU B 327 -2.49 -5.21 -9.95
C LEU B 327 -3.53 -6.10 -10.63
N GLU B 328 -3.08 -7.08 -11.41
CA GLU B 328 -4.01 -8.03 -11.99
C GLU B 328 -4.75 -8.82 -10.93
N ASN B 329 -4.03 -9.28 -9.90
CA ASN B 329 -4.65 -10.09 -8.86
C ASN B 329 -5.68 -9.28 -8.07
N ALA B 330 -5.36 -8.02 -7.75
CA ALA B 330 -6.28 -7.20 -6.97
C ALA B 330 -7.55 -6.91 -7.76
N PHE B 331 -7.43 -6.60 -9.05
CA PHE B 331 -8.62 -6.33 -9.86
C PHE B 331 -9.49 -7.57 -10.00
N LEU B 332 -8.87 -8.74 -10.15
CA LEU B 332 -9.64 -9.99 -10.24
C LEU B 332 -10.40 -10.26 -8.94
N ASN B 333 -9.79 -9.94 -7.80
CA ASN B 333 -10.47 -10.11 -6.52
C ASN B 333 -11.60 -9.10 -6.36
N LEU B 334 -11.36 -7.86 -6.79
CA LEU B 334 -12.37 -6.82 -6.65
C LEU B 334 -13.61 -7.15 -7.46
N VAL B 335 -13.42 -7.57 -8.72
CA VAL B 335 -14.55 -7.92 -9.56
C VAL B 335 -15.27 -9.15 -9.02
N GLN B 336 -14.51 -10.10 -8.48
CA GLN B 336 -15.14 -11.29 -7.90
C GLN B 336 -15.99 -10.95 -6.70
N CYS B 337 -15.54 -9.99 -5.88
CA CYS B 337 -16.34 -9.56 -4.74
C CYS B 337 -17.57 -8.79 -5.19
N ILE B 338 -17.42 -7.95 -6.22
CA ILE B 338 -18.53 -7.14 -6.69
C ILE B 338 -19.61 -8.01 -7.30
N GLN B 339 -19.22 -8.98 -8.13
CA GLN B 339 -20.19 -9.84 -8.81
C GLN B 339 -20.85 -10.81 -7.81
N ASN B 340 -20.04 -11.60 -7.10
CA ASN B 340 -20.58 -12.62 -6.20
C ASN B 340 -19.57 -12.83 -5.08
N LYS B 341 -19.79 -12.15 -3.95
CA LYS B 341 -18.88 -12.22 -2.81
C LYS B 341 -18.91 -13.59 -2.12
N PRO B 342 -20.07 -14.20 -1.89
CA PRO B 342 -20.06 -15.56 -1.31
C PRO B 342 -19.31 -16.57 -2.16
N LEU B 343 -19.44 -16.50 -3.49
CA LEU B 343 -18.69 -17.42 -4.34
C LEU B 343 -17.19 -17.13 -4.32
N TYR B 344 -16.81 -15.85 -4.15
CA TYR B 344 -15.40 -15.49 -4.08
C TYR B 344 -14.72 -16.18 -2.90
N PHE B 345 -15.42 -16.26 -1.76
CA PHE B 345 -14.86 -16.94 -0.61
C PHE B 345 -14.88 -18.46 -0.78
N ALA B 346 -15.94 -18.99 -1.40
CA ALA B 346 -15.97 -20.44 -1.66
C ALA B 346 -14.82 -20.85 -2.58
N ASP B 347 -14.46 -19.99 -3.54
CA ASP B 347 -13.33 -20.31 -4.41
C ASP B 347 -12.01 -20.24 -3.65
N ARG B 348 -11.83 -19.21 -2.81
CA ARG B 348 -10.62 -19.13 -2.00
C ARG B 348 -10.51 -20.31 -1.04
N LEU B 349 -11.60 -20.65 -0.36
CA LEU B 349 -11.59 -21.79 0.54
C LEU B 349 -11.22 -23.07 -0.19
N TYR B 350 -11.76 -23.26 -1.40
CA TYR B 350 -11.42 -24.45 -2.18
C TYR B 350 -9.95 -24.45 -2.59
N ASP B 351 -9.38 -23.27 -2.84
CA ASP B 351 -7.98 -23.21 -3.24
C ASP B 351 -7.05 -23.58 -2.08
N SER B 352 -7.46 -23.31 -0.84
CA SER B 352 -6.62 -23.60 0.31
C SER B 352 -6.61 -25.07 0.68
N MET B 353 -7.51 -25.87 0.11
CA MET B 353 -7.63 -27.28 0.49
C MET B 353 -7.50 -28.26 -0.66
N LYS B 354 -7.49 -27.79 -1.93
CA LYS B 354 -7.62 -28.71 -3.04
C LYS B 354 -6.38 -29.60 -3.21
N GLY B 355 -5.20 -29.04 -2.96
CA GLY B 355 -3.95 -29.71 -3.24
C GLY B 355 -3.28 -30.25 -1.99
N LYS B 356 -1.96 -30.43 -2.10
CA LYS B 356 -1.18 -30.96 -0.99
C LYS B 356 -1.24 -30.00 0.20
N GLY B 357 -1.46 -30.55 1.39
CA GLY B 357 -1.50 -29.73 2.58
C GLY B 357 -2.67 -28.75 2.60
N THR B 358 -2.48 -27.69 3.40
CA THR B 358 -3.51 -26.70 3.61
C THR B 358 -2.88 -25.32 3.74
N ARG B 359 -3.45 -24.34 3.03
CA ARG B 359 -3.11 -22.94 3.26
C ARG B 359 -3.91 -22.48 4.47
N ASP B 360 -3.40 -22.84 5.65
CA ASP B 360 -4.15 -22.65 6.90
C ASP B 360 -4.43 -21.18 7.17
N LYS B 361 -3.51 -20.28 6.79
CA LYS B 361 -3.73 -18.85 7.03
C LYS B 361 -5.00 -18.36 6.32
N VAL B 362 -5.18 -18.75 5.06
CA VAL B 362 -6.38 -18.35 4.33
C VAL B 362 -7.61 -19.05 4.89
N LEU B 363 -7.50 -20.35 5.15
CA LEU B 363 -8.64 -21.11 5.67
C LEU B 363 -9.11 -20.56 7.01
N ILE B 364 -8.18 -20.27 7.92
CA ILE B 364 -8.57 -19.77 9.23
C ILE B 364 -9.18 -18.37 9.12
N ARG B 365 -8.58 -17.50 8.31
CA ARG B 365 -9.06 -16.13 8.23
C ARG B 365 -10.47 -16.04 7.66
N ILE B 366 -10.77 -16.83 6.64
CA ILE B 366 -12.11 -16.79 6.05
C ILE B 366 -13.13 -17.38 7.01
N MET B 367 -12.81 -18.53 7.62
CA MET B 367 -13.75 -19.16 8.53
C MET B 367 -14.00 -18.31 9.77
N VAL B 368 -12.99 -17.56 10.23
CA VAL B 368 -13.16 -16.75 11.43
C VAL B 368 -13.97 -15.49 11.11
N SER B 369 -13.70 -14.84 9.99
CA SER B 369 -14.32 -13.55 9.69
C SER B 369 -15.68 -13.68 9.02
N ARG B 370 -15.98 -14.81 8.37
CA ARG B 370 -17.22 -14.96 7.62
C ARG B 370 -18.21 -15.93 8.25
N SER B 371 -17.90 -16.48 9.43
CA SER B 371 -18.81 -17.45 10.04
C SER B 371 -20.13 -16.81 10.45
N GLU B 372 -20.10 -15.54 10.87
CA GLU B 372 -21.31 -14.82 11.25
C GLU B 372 -21.85 -13.93 10.13
N VAL B 373 -21.13 -13.78 9.03
CA VAL B 373 -21.52 -12.83 8.00
C VAL B 373 -22.36 -13.53 6.93
N ASP B 374 -21.71 -14.29 6.05
CA ASP B 374 -22.39 -14.89 4.91
C ASP B 374 -21.95 -16.33 4.72
N MET B 375 -21.79 -17.06 5.82
CA MET B 375 -21.28 -18.43 5.73
C MET B 375 -22.28 -19.36 5.04
N LEU B 376 -23.57 -19.16 5.31
CA LEU B 376 -24.59 -19.99 4.65
C LEU B 376 -24.55 -19.83 3.15
N LYS B 377 -24.31 -18.61 2.66
CA LYS B 377 -24.21 -18.37 1.22
C LYS B 377 -22.91 -18.90 0.65
N ILE B 378 -21.83 -18.92 1.45
CA ILE B 378 -20.58 -19.51 1.00
C ILE B 378 -20.74 -21.02 0.85
N ARG B 379 -21.31 -21.67 1.87
CA ARG B 379 -21.56 -23.10 1.81
C ARG B 379 -22.46 -23.45 0.63
N SER B 380 -23.44 -22.60 0.33
CA SER B 380 -24.35 -22.87 -0.77
C SER B 380 -23.62 -22.83 -2.10
N GLU B 381 -22.84 -21.78 -2.35
CA GLU B 381 -22.08 -21.69 -3.59
C GLU B 381 -21.03 -22.80 -3.67
N PHE B 382 -20.48 -23.21 -2.53
CA PHE B 382 -19.45 -24.25 -2.53
C PHE B 382 -20.04 -25.60 -2.94
N LYS B 383 -21.14 -26.00 -2.29
CA LYS B 383 -21.78 -27.26 -2.61
C LYS B 383 -22.27 -27.30 -4.07
N ARG B 384 -22.73 -26.15 -4.58
CA ARG B 384 -23.19 -26.10 -5.96
C ARG B 384 -22.05 -26.31 -6.93
N LYS B 385 -20.94 -25.61 -6.72
CA LYS B 385 -19.84 -25.63 -7.70
C LYS B 385 -19.02 -26.90 -7.60
N TYR B 386 -18.72 -27.36 -6.39
CA TYR B 386 -17.79 -28.47 -6.20
C TYR B 386 -18.46 -29.80 -5.89
N GLY B 387 -19.78 -29.81 -5.68
CA GLY B 387 -20.53 -31.04 -5.49
C GLY B 387 -20.56 -31.57 -4.07
N LYS B 388 -19.55 -31.25 -3.26
CA LYS B 388 -19.52 -31.61 -1.85
C LYS B 388 -19.64 -30.35 -1.00
N SER B 389 -20.00 -30.56 0.27
CA SER B 389 -20.14 -29.43 1.18
C SER B 389 -18.78 -28.90 1.61
N LEU B 390 -18.76 -27.63 2.02
CA LEU B 390 -17.57 -27.07 2.64
C LEU B 390 -17.18 -27.88 3.87
N TYR B 391 -18.17 -28.40 4.60
CA TYR B 391 -17.90 -29.27 5.74
C TYR B 391 -17.08 -30.48 5.34
N TYR B 392 -17.33 -31.01 4.13
CA TYR B 392 -16.62 -32.20 3.67
C TYR B 392 -15.14 -31.90 3.44
N TYR B 393 -14.84 -30.75 2.82
CA TYR B 393 -13.45 -30.42 2.53
C TYR B 393 -12.68 -30.02 3.78
N ILE B 394 -13.35 -29.41 4.75
CA ILE B 394 -12.69 -29.10 6.02
C ILE B 394 -12.39 -30.37 6.79
N GLN B 395 -13.30 -31.36 6.70
CA GLN B 395 -13.11 -32.60 7.44
C GLN B 395 -11.93 -33.40 6.91
N GLN B 396 -11.64 -33.31 5.61
CA GLN B 396 -10.56 -34.10 5.03
C GLN B 396 -9.20 -33.45 5.20
N ASP B 397 -9.15 -32.11 5.25
CA ASP B 397 -7.89 -31.40 5.29
C ASP B 397 -7.44 -31.02 6.69
N THR B 398 -8.31 -31.14 7.68
CA THR B 398 -7.95 -30.82 9.05
C THR B 398 -8.35 -31.96 9.97
N LYS B 399 -7.60 -32.11 11.06
CA LYS B 399 -7.86 -33.15 12.05
C LYS B 399 -7.81 -32.53 13.44
N GLY B 400 -8.23 -33.32 14.43
CA GLY B 400 -8.16 -32.94 15.83
C GLY B 400 -9.11 -31.81 16.19
N ASP B 401 -8.73 -31.10 17.26
CA ASP B 401 -9.53 -29.99 17.76
C ASP B 401 -9.58 -28.83 16.77
N TYR B 402 -8.49 -28.63 16.02
CA TYR B 402 -8.48 -27.60 14.98
C TYR B 402 -9.53 -27.88 13.90
N GLN B 403 -9.77 -29.15 13.59
CA GLN B 403 -10.83 -29.49 12.66
C GLN B 403 -12.20 -29.18 13.26
N LYS B 404 -12.44 -29.61 14.50
CA LYS B 404 -13.75 -29.41 15.12
C LYS B 404 -14.09 -27.93 15.23
N ALA B 405 -13.10 -27.10 15.56
CA ALA B 405 -13.36 -25.66 15.66
C ALA B 405 -13.78 -25.08 14.31
N LEU B 406 -13.13 -25.51 13.22
CA LEU B 406 -13.49 -25.04 11.90
C LEU B 406 -14.84 -25.60 11.44
N LEU B 407 -15.19 -26.81 11.92
CA LEU B 407 -16.48 -27.38 11.57
C LEU B 407 -17.62 -26.70 12.31
N TYR B 408 -17.36 -26.24 13.54
CA TYR B 408 -18.38 -25.48 14.27
C TYR B 408 -18.64 -24.14 13.61
N LEU B 409 -17.59 -23.48 13.12
CA LEU B 409 -17.75 -22.21 12.41
C LEU B 409 -18.42 -22.40 11.06
N CYS B 410 -18.32 -23.58 10.47
CA CYS B 410 -19.01 -23.84 9.20
C CYS B 410 -20.51 -23.99 9.42
N GLY B 411 -20.92 -24.93 10.27
CA GLY B 411 -22.32 -25.10 10.58
C GLY B 411 -22.91 -26.46 10.28
N GLY B 412 -22.59 -27.01 9.12
CA GLY B 412 -23.06 -28.33 8.76
C GLY B 412 -22.72 -28.76 7.34
N ASP B 413 -22.85 -30.05 7.01
CA ASP B 413 -22.62 -30.52 5.65
C ASP B 413 -23.89 -30.36 4.82
N ASP B 414 -23.81 -29.55 3.78
CA ASP B 414 -24.95 -29.28 2.90
C ASP B 414 -25.08 -30.34 1.81
N PRO C 6 4.14 33.69 -25.72
CA PRO C 6 3.22 34.44 -24.85
C PRO C 6 2.49 33.53 -23.88
N GLU C 7 1.36 34.00 -23.33
CA GLU C 7 0.59 33.21 -22.37
C GLU C 7 -0.89 33.56 -22.52
N THR C 8 -1.67 32.61 -23.02
CA THR C 8 -3.12 32.72 -23.06
C THR C 8 -3.72 32.07 -21.83
N SER C 9 -4.87 32.59 -21.38
CA SER C 9 -5.55 32.09 -20.21
C SER C 9 -6.97 31.66 -20.57
N VAL C 10 -7.42 30.58 -19.96
CA VAL C 10 -8.81 30.16 -20.07
C VAL C 10 -9.40 30.17 -18.65
N PHE D 5 -38.13 -9.03 -0.95
CA PHE D 5 -38.06 -8.29 0.30
C PHE D 5 -39.00 -7.08 0.28
N PRO D 6 -40.29 -7.32 0.53
CA PRO D 6 -41.26 -6.22 0.52
C PRO D 6 -41.30 -5.52 1.88
N GLU D 7 -41.33 -4.19 1.84
CA GLU D 7 -41.47 -3.39 3.05
C GLU D 7 -42.87 -2.81 3.13
N THR D 8 -43.82 -3.72 3.38
CA THR D 8 -45.23 -3.37 3.44
C THR D 8 -45.53 -2.65 4.75
N SER D 9 -46.23 -1.52 4.66
CA SER D 9 -46.62 -0.77 5.83
C SER D 9 -47.91 -1.34 6.41
N VAL D 10 -47.92 -1.55 7.72
CA VAL D 10 -49.09 -2.10 8.41
C VAL D 10 -49.48 -1.18 9.55
#